data_2Q1U
#
_entry.id   2Q1U
#
_cell.length_a   121.851
_cell.length_b   79.682
_cell.length_c   84.953
_cell.angle_alpha   90.00
_cell.angle_beta   113.10
_cell.angle_gamma   90.00
#
_symmetry.space_group_name_H-M   'C 1 2 1'
#
loop_
_entity.id
_entity.type
_entity.pdbx_description
1 polymer 'Putative nucleotide sugar epimerase/ dehydratase'
2 non-polymer NICOTINAMIDE-ADENINE-DINUCLEOTIDE
3 non-polymer "URIDINE-5'-DIPHOSPHATE"
4 non-polymer GLYCEROL
5 water water
#
_entity_poly.entity_id   1
_entity_poly.type   'polypeptide(L)'
_entity_poly.pdbx_seq_one_letter_code
;MGSSHHHHHHSSGLVPRGSHMPVIMNASKLANTNVMVVGGAGFVGSNLVKRLLELGVNQVHVVDNLLSAEKINVPDHPAV
RFSETSITDDALLASLQDEYDYVFHLATYHGNQSSIHDPLADHENNTLTTLKLYERLKHFKRLKKVVYSAAGCSIAEKTF
DDAKATEETDIVSLHNNDSPYSMSKIFGEFYSVYYHKQHQLPTVRARFQNVYGPGEILGAGRWRGTPATVWRNVTPTFIY
KALKGMPLPLENGGVATRDFIFVEDVANGLIACAADGTPGGVYNIASGKETSIADLATKINEITGNNTELDRLPKRPWDN
SGKRFGSPEKARRELGFSADVSIDDGLRKTIEWTKANLAVIEQIMRKHDSALATYGK
;
_entity_poly.pdbx_strand_id   A,B
#
# COMPACT_ATOMS: atom_id res chain seq x y z
N ASN A 26 -30.26 6.74 14.17
CA ASN A 26 -30.36 6.14 12.80
C ASN A 26 -29.88 4.68 12.62
N ALA A 27 -29.36 4.06 13.69
CA ALA A 27 -29.01 2.62 13.70
C ALA A 27 -30.18 1.70 13.23
N SER A 28 -31.40 2.19 13.35
CA SER A 28 -32.55 1.51 12.77
C SER A 28 -32.53 1.55 11.23
N LYS A 29 -31.68 2.40 10.63
CA LYS A 29 -31.47 2.37 9.18
C LYS A 29 -31.08 0.98 8.69
N LEU A 30 -30.50 0.17 9.58
CA LEU A 30 -30.06 -1.17 9.19
C LEU A 30 -31.15 -2.24 9.32
N ALA A 31 -32.27 -1.88 9.93
CA ALA A 31 -33.39 -2.81 10.04
C ALA A 31 -33.81 -3.34 8.68
N ASN A 32 -34.00 -4.67 8.59
CA ASN A 32 -34.45 -5.37 7.37
C ASN A 32 -33.50 -5.23 6.18
N THR A 33 -32.24 -4.91 6.43
CA THR A 33 -31.24 -4.82 5.34
C THR A 33 -30.39 -6.09 5.21
N ASN A 34 -29.68 -6.21 4.09
CA ASN A 34 -28.76 -7.33 3.90
C ASN A 34 -27.39 -6.80 4.14
N VAL A 35 -26.65 -7.48 5.02
CA VAL A 35 -25.32 -7.00 5.39
C VAL A 35 -24.28 -8.07 5.15
N MET A 36 -23.10 -7.66 4.69
CA MET A 36 -21.96 -8.58 4.69
CA MET A 36 -21.94 -8.56 4.65
C MET A 36 -20.94 -8.11 5.72
N VAL A 37 -20.38 -9.08 6.46
CA VAL A 37 -19.32 -8.81 7.46
C VAL A 37 -18.13 -9.70 7.10
N VAL A 38 -17.20 -9.10 6.37
CA VAL A 38 -15.92 -9.74 6.07
C VAL A 38 -15.10 -9.73 7.36
N GLY A 39 -14.59 -10.90 7.73
CA GLY A 39 -13.92 -11.03 9.02
C GLY A 39 -14.92 -11.13 10.16
N GLY A 40 -16.18 -11.50 9.86
CA GLY A 40 -17.24 -11.50 10.85
C GLY A 40 -17.20 -12.58 11.89
N ALA A 41 -16.27 -13.55 11.74
CA ALA A 41 -16.10 -14.59 12.77
C ALA A 41 -15.13 -14.15 13.87
N GLY A 42 -14.47 -13.03 13.65
CA GLY A 42 -13.44 -12.59 14.57
C GLY A 42 -13.96 -11.83 15.78
N PHE A 43 -13.04 -11.21 16.47
CA PHE A 43 -13.38 -10.57 17.75
C PHE A 43 -14.37 -9.42 17.58
N VAL A 44 -13.95 -8.35 16.89
CA VAL A 44 -14.88 -7.24 16.62
C VAL A 44 -16.04 -7.68 15.76
N GLY A 45 -15.77 -8.51 14.76
CA GLY A 45 -16.78 -8.99 13.82
C GLY A 45 -17.94 -9.76 14.45
N SER A 46 -17.62 -10.72 15.34
CA SER A 46 -18.66 -11.54 15.99
C SER A 46 -19.58 -10.65 16.84
N ASN A 47 -18.98 -9.65 17.50
CA ASN A 47 -19.76 -8.70 18.30
C ASN A 47 -20.65 -7.79 17.46
N LEU A 48 -20.11 -7.36 16.30
CA LEU A 48 -20.89 -6.61 15.33
C LEU A 48 -22.05 -7.46 14.81
N VAL A 49 -21.78 -8.73 14.46
CA VAL A 49 -22.85 -9.61 13.99
C VAL A 49 -23.97 -9.75 15.03
N LYS A 50 -23.60 -9.91 16.31
CA LYS A 50 -24.57 -10.01 17.41
C LYS A 50 -25.46 -8.76 17.45
N ARG A 51 -24.82 -7.59 17.28
CA ARG A 51 -25.54 -6.34 17.40
C ARG A 51 -26.44 -6.11 16.16
N LEU A 52 -25.94 -6.46 14.98
CA LEU A 52 -26.78 -6.42 13.76
C LEU A 52 -28.06 -7.24 13.88
N LEU A 53 -27.94 -8.48 14.36
CA LEU A 53 -29.10 -9.32 14.61
C LEU A 53 -30.07 -8.66 15.61
N GLU A 54 -29.53 -8.04 16.66
CA GLU A 54 -30.36 -7.30 17.62
C GLU A 54 -31.18 -6.18 16.97
N LEU A 55 -30.59 -5.55 15.96
CA LEU A 55 -31.17 -4.40 15.27
C LEU A 55 -32.16 -4.85 14.18
N GLY A 56 -32.28 -6.17 14.00
CA GLY A 56 -33.27 -6.72 13.07
C GLY A 56 -32.91 -6.65 11.59
N VAL A 57 -31.64 -6.83 11.26
CA VAL A 57 -31.22 -6.94 9.86
C VAL A 57 -31.92 -8.15 9.23
N ASN A 58 -32.13 -8.11 7.92
CA ASN A 58 -32.70 -9.25 7.22
C ASN A 58 -31.74 -10.44 7.17
N GLN A 59 -30.47 -10.18 6.80
CA GLN A 59 -29.50 -11.24 6.57
C GLN A 59 -28.11 -10.70 6.92
N VAL A 60 -27.27 -11.52 7.58
CA VAL A 60 -25.80 -11.28 7.65
C VAL A 60 -25.03 -12.36 6.93
N HIS A 61 -24.22 -11.95 5.94
CA HIS A 61 -23.32 -12.87 5.25
C HIS A 61 -21.95 -12.68 5.85
N VAL A 62 -21.53 -13.67 6.64
CA VAL A 62 -20.18 -13.62 7.23
C VAL A 62 -19.24 -14.29 6.27
N VAL A 63 -18.16 -13.60 5.89
CA VAL A 63 -17.13 -14.22 5.07
C VAL A 63 -15.87 -14.23 5.95
N ASP A 64 -15.37 -15.42 6.28
CA ASP A 64 -14.25 -15.52 7.21
C ASP A 64 -13.52 -16.84 7.01
N ASN A 65 -12.19 -16.81 6.84
CA ASN A 65 -11.41 -18.02 6.63
C ASN A 65 -10.95 -18.68 7.96
N LEU A 66 -11.36 -18.07 9.09
CA LEU A 66 -11.03 -18.55 10.44
C LEU A 66 -9.51 -18.61 10.65
N LEU A 67 -8.80 -17.74 9.94
CA LEU A 67 -7.37 -17.66 10.13
C LEU A 67 -7.00 -17.23 11.58
N SER A 68 -7.77 -16.34 12.17
CA SER A 68 -7.49 -15.90 13.55
C SER A 68 -8.77 -15.92 14.36
N ALA A 69 -9.67 -16.84 14.03
CA ALA A 69 -11.02 -16.89 14.65
C ALA A 69 -11.43 -18.31 14.93
N GLU A 70 -12.49 -18.44 15.72
CA GLU A 70 -13.06 -19.74 16.09
C GLU A 70 -14.51 -19.83 15.56
N LYS A 71 -14.88 -20.98 15.00
CA LYS A 71 -16.21 -21.15 14.40
C LYS A 71 -17.29 -20.97 15.46
N ILE A 72 -16.95 -21.20 16.74
CA ILE A 72 -17.91 -20.97 17.85
C ILE A 72 -18.34 -19.50 17.97
N ASN A 73 -17.61 -18.61 17.31
CA ASN A 73 -17.99 -17.21 17.24
C ASN A 73 -18.92 -16.85 16.08
N VAL A 74 -19.32 -17.84 15.29
CA VAL A 74 -20.29 -17.63 14.22
C VAL A 74 -21.62 -18.30 14.61
N PRO A 75 -22.69 -17.54 14.81
CA PRO A 75 -23.96 -18.16 15.20
C PRO A 75 -24.67 -18.99 14.13
N ASP A 76 -25.39 -20.01 14.56
CA ASP A 76 -26.08 -20.91 13.65
CA ASP A 76 -26.07 -20.90 13.65
C ASP A 76 -27.56 -20.44 13.75
N HIS A 77 -27.75 -19.49 12.84
CA HIS A 77 -28.87 -18.57 12.91
C HIS A 77 -29.44 -18.38 11.51
N PRO A 78 -30.75 -18.21 11.42
CA PRO A 78 -31.41 -18.25 10.11
C PRO A 78 -31.08 -17.01 9.25
N ALA A 79 -30.70 -15.92 9.89
CA ALA A 79 -30.24 -14.66 9.22
C ALA A 79 -28.73 -14.64 8.93
N VAL A 80 -28.02 -15.64 9.43
CA VAL A 80 -26.59 -15.69 9.23
C VAL A 80 -26.22 -16.78 8.22
N ARG A 81 -25.58 -16.32 7.15
CA ARG A 81 -24.99 -17.16 6.13
C ARG A 81 -23.50 -17.12 6.42
N PHE A 82 -22.84 -18.28 6.47
CA PHE A 82 -21.39 -18.29 6.72
C PHE A 82 -20.63 -18.92 5.56
N SER A 83 -19.72 -18.13 4.97
CA SER A 83 -18.85 -18.63 3.92
C SER A 83 -17.47 -18.77 4.53
N GLU A 84 -17.02 -20.00 4.72
CA GLU A 84 -15.71 -20.23 5.35
C GLU A 84 -14.63 -20.22 4.27
N THR A 85 -14.32 -19.02 3.80
CA THR A 85 -13.40 -18.86 2.69
C THR A 85 -12.77 -17.47 2.74
N SER A 86 -11.58 -17.35 2.16
CA SER A 86 -10.97 -16.03 2.12
C SER A 86 -11.79 -15.12 1.22
N ILE A 87 -11.86 -13.84 1.61
CA ILE A 87 -12.45 -12.82 0.73
C ILE A 87 -11.62 -12.56 -0.54
N THR A 88 -10.35 -13.00 -0.58
CA THR A 88 -9.59 -12.98 -1.83
C THR A 88 -9.88 -14.13 -2.80
N ASP A 89 -10.72 -15.08 -2.42
CA ASP A 89 -10.98 -16.20 -3.29
C ASP A 89 -11.75 -15.73 -4.54
N ASP A 90 -11.19 -15.96 -5.73
CA ASP A 90 -11.85 -15.46 -6.97
C ASP A 90 -13.27 -15.98 -7.20
N ALA A 91 -13.46 -17.28 -6.97
CA ALA A 91 -14.77 -17.92 -7.10
C ALA A 91 -15.77 -17.30 -6.13
N LEU A 92 -15.35 -17.08 -4.88
CA LEU A 92 -16.26 -16.48 -3.93
C LEU A 92 -16.67 -15.11 -4.43
N LEU A 93 -15.67 -14.32 -4.82
CA LEU A 93 -15.96 -12.95 -5.23
C LEU A 93 -16.87 -12.91 -6.43
N ALA A 94 -16.59 -13.74 -7.43
CA ALA A 94 -17.45 -13.84 -8.62
C ALA A 94 -18.90 -14.24 -8.27
N SER A 95 -19.07 -15.05 -7.23
CA SER A 95 -20.39 -15.57 -6.80
C SER A 95 -21.24 -14.50 -6.10
N LEU A 96 -20.59 -13.45 -5.61
CA LEU A 96 -21.32 -12.39 -4.91
C LEU A 96 -22.33 -11.70 -5.81
N GLN A 97 -23.52 -11.47 -5.29
CA GLN A 97 -24.58 -10.76 -6.04
C GLN A 97 -24.78 -9.35 -5.46
N ASP A 98 -25.38 -8.45 -6.24
CA ASP A 98 -25.62 -7.05 -5.81
C ASP A 98 -26.90 -7.02 -4.95
N GLU A 99 -26.82 -7.63 -3.77
CA GLU A 99 -27.96 -7.84 -2.86
C GLU A 99 -27.62 -7.33 -1.46
N TYR A 100 -26.52 -6.59 -1.33
CA TYR A 100 -26.11 -6.06 -0.05
C TYR A 100 -26.40 -4.59 0.06
N ASP A 101 -26.99 -4.21 1.19
CA ASP A 101 -27.09 -2.78 1.54
C ASP A 101 -25.85 -2.20 2.23
N TYR A 102 -25.19 -3.04 3.03
CA TYR A 102 -24.01 -2.59 3.80
C TYR A 102 -22.98 -3.65 3.79
N VAL A 103 -21.73 -3.21 3.71
CA VAL A 103 -20.64 -4.15 3.85
C VAL A 103 -19.70 -3.61 4.96
N PHE A 104 -19.32 -4.50 5.87
CA PHE A 104 -18.33 -4.18 6.92
C PHE A 104 -17.11 -5.03 6.64
N HIS A 105 -16.01 -4.36 6.35
CA HIS A 105 -14.75 -5.01 6.03
C HIS A 105 -13.81 -4.97 7.23
N LEU A 106 -13.77 -6.10 7.94
CA LEU A 106 -13.05 -6.20 9.22
C LEU A 106 -11.88 -7.21 9.15
N ALA A 107 -11.71 -7.86 8.01
CA ALA A 107 -10.67 -8.89 7.91
C ALA A 107 -9.31 -8.25 8.11
N THR A 108 -8.42 -9.01 8.72
CA THR A 108 -7.03 -8.57 8.85
C THR A 108 -6.15 -9.77 9.14
N TYR A 109 -4.83 -9.54 9.13
CA TYR A 109 -3.91 -10.59 9.51
C TYR A 109 -3.49 -10.28 10.92
N HIS A 110 -3.96 -11.07 11.88
CA HIS A 110 -3.78 -10.68 13.27
C HIS A 110 -2.40 -11.13 13.83
N GLY A 111 -1.53 -10.20 14.25
CA GLY A 111 -1.60 -8.72 14.06
C GLY A 111 -0.16 -8.24 13.83
N ASN A 112 0.28 -7.25 14.61
CA ASN A 112 1.62 -6.69 14.39
C ASN A 112 2.73 -7.71 14.36
N GLN A 113 2.85 -8.48 15.44
CA GLN A 113 3.92 -9.45 15.53
C GLN A 113 3.84 -10.53 14.43
N SER A 114 2.64 -11.06 14.18
CA SER A 114 2.45 -12.07 13.09
C SER A 114 2.93 -11.50 11.76
N SER A 115 2.57 -10.25 11.52
CA SER A 115 2.89 -9.64 10.22
C SER A 115 4.40 -9.44 10.01
N ILE A 116 5.12 -9.10 11.07
CA ILE A 116 6.58 -9.00 11.00
C ILE A 116 7.21 -10.36 10.65
N HIS A 117 6.63 -11.40 11.24
CA HIS A 117 7.13 -12.74 11.05
C HIS A 117 6.94 -13.21 9.60
N ASP A 118 5.82 -12.85 8.98
CA ASP A 118 5.55 -13.26 7.59
C ASP A 118 4.80 -12.14 6.84
N PRO A 119 5.54 -11.16 6.26
CA PRO A 119 4.89 -10.05 5.52
C PRO A 119 4.04 -10.54 4.36
N LEU A 120 4.34 -11.74 3.80
CA LEU A 120 3.56 -12.21 2.60
C LEU A 120 2.20 -12.79 3.05
N ALA A 121 2.21 -13.44 4.20
CA ALA A 121 0.95 -13.85 4.83
C ALA A 121 0.12 -12.64 5.24
N ASP A 122 0.77 -11.62 5.79
CA ASP A 122 0.06 -10.39 6.06
C ASP A 122 -0.54 -9.78 4.75
N HIS A 123 0.26 -9.68 3.69
CA HIS A 123 -0.23 -9.02 2.47
C HIS A 123 -1.51 -9.72 1.96
N GLU A 124 -1.49 -11.04 1.96
CA GLU A 124 -2.61 -11.78 1.39
C GLU A 124 -3.89 -11.54 2.16
N ASN A 125 -3.79 -11.42 3.48
CA ASN A 125 -4.94 -11.42 4.38
C ASN A 125 -5.18 -10.03 4.94
N ASN A 126 -4.45 -9.05 4.44
CA ASN A 126 -4.55 -7.71 5.03
C ASN A 126 -4.50 -6.56 4.02
N THR A 127 -3.78 -6.72 2.90
CA THR A 127 -3.75 -5.68 1.86
C THR A 127 -4.63 -6.12 0.67
N LEU A 128 -4.38 -7.35 0.19
CA LEU A 128 -5.06 -7.86 -1.02
C LEU A 128 -6.57 -8.06 -0.75
N THR A 129 -6.91 -8.42 0.47
CA THR A 129 -8.30 -8.47 0.92
C THR A 129 -9.08 -7.23 0.53
N THR A 130 -8.61 -6.08 0.96
CA THR A 130 -9.34 -4.84 0.71
C THR A 130 -9.45 -4.54 -0.79
N LEU A 131 -8.32 -4.64 -1.50
CA LEU A 131 -8.31 -4.35 -2.93
C LEU A 131 -9.28 -5.27 -3.70
N LYS A 132 -9.18 -6.57 -3.48
CA LYS A 132 -10.07 -7.48 -4.24
C LYS A 132 -11.54 -7.31 -3.88
N LEU A 133 -11.80 -7.03 -2.60
CA LEU A 133 -13.17 -6.80 -2.13
C LEU A 133 -13.74 -5.57 -2.87
N TYR A 134 -12.99 -4.44 -2.83
CA TYR A 134 -13.41 -3.20 -3.48
C TYR A 134 -13.56 -3.32 -4.99
N GLU A 135 -12.67 -4.07 -5.63
CA GLU A 135 -12.75 -4.29 -7.08
C GLU A 135 -14.05 -5.03 -7.46
N ARG A 136 -14.49 -5.97 -6.62
CA ARG A 136 -15.77 -6.64 -6.88
C ARG A 136 -16.95 -5.70 -6.58
N LEU A 137 -16.88 -5.00 -5.42
CA LEU A 137 -18.00 -4.14 -4.96
C LEU A 137 -18.26 -2.92 -5.82
N LYS A 138 -17.29 -2.54 -6.66
CA LYS A 138 -17.34 -1.21 -7.30
C LYS A 138 -18.57 -1.00 -8.19
N HIS A 139 -19.08 -2.10 -8.73
CA HIS A 139 -20.28 -2.10 -9.59
C HIS A 139 -21.56 -2.51 -8.84
N PHE A 140 -21.52 -2.63 -7.52
CA PHE A 140 -22.72 -2.96 -6.80
C PHE A 140 -23.51 -1.67 -6.55
N LYS A 141 -24.75 -1.61 -7.06
CA LYS A 141 -25.55 -0.38 -6.95
C LYS A 141 -26.45 -0.33 -5.69
N ARG A 142 -26.70 -1.48 -5.05
CA ARG A 142 -27.56 -1.48 -3.87
C ARG A 142 -26.80 -0.99 -2.65
N LEU A 143 -25.46 -0.99 -2.73
CA LEU A 143 -24.61 -0.57 -1.58
C LEU A 143 -24.88 0.83 -1.14
N LYS A 144 -25.13 1.01 0.15
CA LYS A 144 -25.32 2.35 0.74
C LYS A 144 -24.04 2.76 1.45
N LYS A 145 -23.34 1.80 2.07
CA LYS A 145 -22.07 2.14 2.78
C LYS A 145 -21.20 0.93 2.90
N VAL A 146 -19.89 1.16 2.77
CA VAL A 146 -18.89 0.13 2.96
C VAL A 146 -17.98 0.65 4.06
N VAL A 147 -17.96 -0.04 5.20
CA VAL A 147 -17.26 0.47 6.37
C VAL A 147 -16.01 -0.37 6.58
N TYR A 148 -14.87 0.33 6.55
CA TYR A 148 -13.56 -0.30 6.68
C TYR A 148 -12.95 -0.03 8.06
N SER A 149 -12.61 -1.08 8.81
CA SER A 149 -11.94 -0.86 10.11
C SER A 149 -10.45 -0.59 9.88
N ALA A 150 -10.05 0.63 10.17
CA ALA A 150 -8.69 1.06 9.95
C ALA A 150 -7.97 1.02 11.30
N ALA A 151 -6.66 1.21 11.32
CA ALA A 151 -5.95 1.21 12.60
C ALA A 151 -5.99 2.64 13.17
N GLY A 152 -5.46 2.82 14.37
CA GLY A 152 -5.56 4.11 15.06
C GLY A 152 -4.52 5.16 14.71
N GLU A 167 -9.69 16.04 15.05
CA GLU A 167 -8.32 15.54 14.93
C GLU A 167 -8.07 14.61 13.73
N GLU A 168 -9.11 13.98 13.16
CA GLU A 168 -8.94 13.12 11.97
C GLU A 168 -8.17 13.88 10.88
N THR A 169 -7.06 13.31 10.43
CA THR A 169 -6.33 13.86 9.31
C THR A 169 -6.06 12.76 8.30
N ASP A 170 -5.79 13.17 7.07
CA ASP A 170 -5.56 12.20 5.99
C ASP A 170 -4.16 12.36 5.41
N ILE A 171 -3.26 12.85 6.26
CA ILE A 171 -1.83 12.90 6.00
C ILE A 171 -1.12 11.84 6.86
N VAL A 172 -0.26 11.04 6.22
CA VAL A 172 0.45 9.97 6.89
C VAL A 172 1.96 10.08 6.65
N SER A 173 2.77 9.56 7.59
CA SER A 173 4.22 9.52 7.38
C SER A 173 4.67 8.16 6.86
N LEU A 174 5.67 8.18 5.97
CA LEU A 174 6.30 6.93 5.53
C LEU A 174 7.04 6.24 6.67
N HIS A 175 7.34 6.97 7.73
CA HIS A 175 8.15 6.42 8.83
C HIS A 175 7.39 5.91 10.06
N ASN A 176 6.12 6.19 10.14
CA ASN A 176 5.43 5.86 11.38
C ASN A 176 5.24 4.33 11.68
N ASN A 177 5.57 3.46 10.72
CA ASN A 177 4.98 2.14 10.58
C ASN A 177 5.88 0.99 11.03
N ASP A 178 5.55 0.40 12.16
CA ASP A 178 6.41 -0.57 12.82
CA ASP A 178 6.50 -0.54 12.74
C ASP A 178 6.29 -1.99 12.29
N SER A 179 5.30 -2.23 11.42
CA SER A 179 5.04 -3.59 10.94
C SER A 179 4.33 -3.59 9.58
N PRO A 180 4.38 -4.74 8.88
CA PRO A 180 3.56 -4.86 7.69
C PRO A 180 2.08 -4.70 7.98
N TYR A 181 1.64 -5.18 9.14
CA TYR A 181 0.25 -4.96 9.57
C TYR A 181 -0.09 -3.48 9.49
N SER A 182 0.76 -2.63 10.08
CA SER A 182 0.46 -1.19 10.11
CA SER A 182 0.51 -1.18 10.12
CA SER A 182 0.48 -1.18 10.10
C SER A 182 0.39 -0.60 8.70
N MET A 183 1.31 -1.03 7.83
CA MET A 183 1.27 -0.61 6.43
C MET A 183 -0.03 -1.11 5.75
N SER A 184 -0.36 -2.39 5.90
CA SER A 184 -1.64 -2.89 5.32
C SER A 184 -2.86 -2.09 5.75
N LYS A 185 -2.91 -1.73 7.03
CA LYS A 185 -4.08 -0.95 7.51
C LYS A 185 -4.16 0.39 6.79
N ILE A 186 -3.01 1.08 6.66
CA ILE A 186 -2.89 2.37 5.95
CA ILE A 186 -3.04 2.37 5.98
C ILE A 186 -3.26 2.22 4.47
N PHE A 187 -2.74 1.15 3.87
CA PHE A 187 -2.99 0.90 2.45
C PHE A 187 -4.51 0.79 2.24
N GLY A 188 -5.23 0.12 3.15
CA GLY A 188 -6.70 -0.01 3.03
C GLY A 188 -7.37 1.35 3.05
N GLU A 189 -6.81 2.31 3.80
CA GLU A 189 -7.35 3.66 3.70
C GLU A 189 -7.08 4.32 2.34
N PHE A 190 -5.89 4.10 1.78
CA PHE A 190 -5.60 4.62 0.43
C PHE A 190 -6.63 4.06 -0.53
N TYR A 191 -6.88 2.75 -0.41
CA TYR A 191 -7.83 2.13 -1.35
C TYR A 191 -9.24 2.66 -1.14
N SER A 192 -9.65 2.84 0.12
CA SER A 192 -10.97 3.37 0.47
C SER A 192 -11.19 4.75 -0.17
N VAL A 193 -10.19 5.63 -0.06
CA VAL A 193 -10.27 6.94 -0.65
C VAL A 193 -10.35 6.86 -2.19
N TYR A 194 -9.47 6.06 -2.82
CA TYR A 194 -9.45 5.89 -4.26
C TYR A 194 -10.77 5.35 -4.83
N TYR A 195 -11.27 4.27 -4.25
CA TYR A 195 -12.51 3.65 -4.79
C TYR A 195 -13.72 4.61 -4.66
N HIS A 196 -13.71 5.40 -3.61
CA HIS A 196 -14.74 6.42 -3.50
C HIS A 196 -14.60 7.48 -4.62
N LYS A 197 -13.40 8.04 -4.78
CA LYS A 197 -13.15 9.12 -5.74
C LYS A 197 -13.41 8.62 -7.19
N GLN A 198 -12.93 7.42 -7.50
CA GLN A 198 -12.95 6.97 -8.88
C GLN A 198 -14.29 6.27 -9.24
N HIS A 199 -14.86 5.53 -8.30
CA HIS A 199 -15.95 4.60 -8.60
C HIS A 199 -17.19 4.83 -7.74
N GLN A 200 -17.15 5.87 -6.90
CA GLN A 200 -18.25 6.19 -6.04
C GLN A 200 -18.61 5.07 -5.04
N LEU A 201 -17.63 4.21 -4.72
CA LEU A 201 -17.85 3.22 -3.67
C LEU A 201 -18.02 4.00 -2.36
N PRO A 202 -19.15 3.77 -1.67
CA PRO A 202 -19.47 4.65 -0.54
C PRO A 202 -18.72 4.28 0.74
N THR A 203 -17.39 4.46 0.71
CA THR A 203 -16.55 3.95 1.80
C THR A 203 -16.56 4.88 3.01
N VAL A 204 -16.53 4.26 4.19
CA VAL A 204 -16.28 5.05 5.42
C VAL A 204 -15.18 4.35 6.23
N ARG A 205 -14.15 5.09 6.62
CA ARG A 205 -12.99 4.50 7.36
C ARG A 205 -13.20 4.77 8.83
N ALA A 206 -13.17 3.70 9.62
CA ALA A 206 -13.41 3.83 11.07
C ALA A 206 -12.09 3.48 11.73
N ARG A 207 -11.49 4.46 12.40
CA ARG A 207 -10.20 4.25 13.07
C ARG A 207 -10.44 3.99 14.54
N PHE A 208 -9.84 2.93 15.04
CA PHE A 208 -9.94 2.65 16.47
C PHE A 208 -8.68 1.90 16.93
N GLN A 209 -8.55 1.73 18.24
CA GLN A 209 -7.42 1.00 18.80
C GLN A 209 -7.79 0.55 20.20
N ASN A 210 -7.04 -0.43 20.70
CA ASN A 210 -7.19 -0.89 22.09
C ASN A 210 -8.61 -1.32 22.43
N VAL A 211 -9.21 -2.07 21.50
CA VAL A 211 -10.50 -2.70 21.77
C VAL A 211 -10.32 -3.87 22.76
N TYR A 212 -11.27 -4.05 23.69
CA TYR A 212 -11.25 -5.24 24.54
C TYR A 212 -12.71 -5.66 24.82
N GLY A 213 -12.90 -6.90 25.25
CA GLY A 213 -14.22 -7.37 25.66
C GLY A 213 -14.49 -8.83 25.40
N PRO A 214 -15.74 -9.27 25.64
CA PRO A 214 -16.15 -10.66 25.37
C PRO A 214 -15.90 -11.01 23.91
N GLY A 215 -15.52 -12.25 23.65
CA GLY A 215 -15.37 -12.74 22.29
C GLY A 215 -13.97 -12.71 21.76
N GLU A 216 -13.05 -12.03 22.46
CA GLU A 216 -11.63 -12.17 22.10
C GLU A 216 -11.05 -13.37 22.82
N ILE A 217 -10.78 -14.43 22.03
CA ILE A 217 -10.34 -15.70 22.59
C ILE A 217 -8.85 -15.86 22.40
N LEU A 218 -8.08 -15.92 23.49
CA LEU A 218 -6.65 -16.25 23.37
C LEU A 218 -6.48 -17.54 22.54
N GLY A 219 -5.52 -17.52 21.62
CA GLY A 219 -5.27 -18.71 20.81
C GLY A 219 -6.23 -18.91 19.63
N ALA A 220 -7.20 -18.01 19.44
CA ALA A 220 -8.18 -18.20 18.34
C ALA A 220 -7.50 -18.39 16.99
N GLY A 221 -7.95 -19.36 16.19
CA GLY A 221 -7.48 -19.53 14.83
C GLY A 221 -6.22 -20.37 14.71
N ARG A 222 -5.50 -20.17 13.61
CA ARG A 222 -4.31 -20.96 13.28
C ARG A 222 -3.08 -20.37 13.88
N TRP A 223 -1.99 -21.16 13.96
CA TRP A 223 -0.73 -20.60 14.40
C TRP A 223 -0.23 -19.59 13.36
N ARG A 224 0.04 -18.36 13.78
CA ARG A 224 0.48 -17.32 12.84
C ARG A 224 1.93 -16.87 13.11
N GLY A 225 2.68 -17.74 13.78
CA GLY A 225 4.14 -17.67 13.75
C GLY A 225 4.79 -17.29 15.04
N THR A 226 4.03 -16.62 15.89
CA THR A 226 4.62 -16.10 17.13
C THR A 226 3.66 -16.32 18.31
N PRO A 227 4.17 -16.18 19.54
CA PRO A 227 3.35 -16.38 20.73
C PRO A 227 2.15 -15.46 20.84
N ALA A 228 2.16 -14.31 20.12
CA ALA A 228 1.01 -13.43 20.08
C ALA A 228 -0.25 -14.11 19.51
N THR A 229 -0.08 -15.26 18.83
CA THR A 229 -1.26 -16.02 18.44
C THR A 229 -2.07 -16.41 19.67
N VAL A 230 -1.36 -16.81 20.74
CA VAL A 230 -1.99 -17.10 22.03
C VAL A 230 -2.28 -15.81 22.82
N TRP A 231 -1.21 -15.07 23.13
CA TRP A 231 -1.29 -13.87 23.97
C TRP A 231 -1.53 -12.64 23.09
N ARG A 232 -2.77 -12.55 22.62
CA ARG A 232 -3.16 -11.62 21.55
C ARG A 232 -2.99 -10.20 21.96
N ASN A 233 -3.44 -9.89 23.17
CA ASN A 233 -3.50 -8.50 23.63
C ASN A 233 -3.47 -8.43 25.16
N VAL A 234 -3.11 -7.26 25.71
CA VAL A 234 -2.86 -7.15 27.15
C VAL A 234 -4.10 -7.49 28.00
N THR A 235 -5.28 -7.03 27.60
CA THR A 235 -6.46 -7.25 28.47
C THR A 235 -6.83 -8.74 28.59
N PRO A 236 -7.01 -9.44 27.45
CA PRO A 236 -7.33 -10.84 27.65
C PRO A 236 -6.18 -11.67 28.28
N THR A 237 -4.93 -11.25 28.04
CA THR A 237 -3.80 -11.94 28.67
C THR A 237 -3.89 -11.79 30.19
N PHE A 238 -4.12 -10.56 30.67
CA PHE A 238 -4.22 -10.28 32.09
C PHE A 238 -5.46 -10.95 32.74
N ILE A 239 -6.60 -10.90 32.05
CA ILE A 239 -7.80 -11.57 32.57
C ILE A 239 -7.58 -13.08 32.77
N TYR A 240 -7.07 -13.76 31.75
CA TYR A 240 -6.80 -15.16 31.84
C TYR A 240 -5.86 -15.44 33.02
N LYS A 241 -4.72 -14.72 33.05
CA LYS A 241 -3.75 -14.93 34.14
C LYS A 241 -4.37 -14.66 35.52
N ALA A 242 -5.13 -13.57 35.66
CA ALA A 242 -5.73 -13.26 36.96
C ALA A 242 -6.74 -14.33 37.41
N LEU A 243 -7.54 -14.85 36.46
CA LEU A 243 -8.49 -15.93 36.74
C LEU A 243 -7.78 -17.22 37.19
N LYS A 244 -6.55 -17.41 36.71
CA LYS A 244 -5.73 -18.55 37.13
C LYS A 244 -4.93 -18.27 38.41
N GLY A 245 -5.09 -17.06 38.98
CA GLY A 245 -4.38 -16.68 40.21
C GLY A 245 -2.88 -16.48 40.00
N MET A 246 -2.49 -16.11 38.79
CA MET A 246 -1.10 -15.91 38.43
C MET A 246 -0.73 -14.41 38.53
N PRO A 247 0.50 -14.11 38.98
CA PRO A 247 0.90 -12.70 38.98
C PRO A 247 0.94 -12.11 37.57
N LEU A 248 0.43 -10.89 37.41
CA LEU A 248 0.32 -10.24 36.10
C LEU A 248 1.67 -9.69 35.66
N PRO A 249 2.15 -10.13 34.47
CA PRO A 249 3.48 -9.75 34.02
C PRO A 249 3.43 -8.31 33.52
N LEU A 250 3.69 -7.41 34.42
CA LEU A 250 3.55 -6.00 34.16
C LEU A 250 4.88 -5.44 33.70
N GLU A 251 4.88 -4.82 32.52
CA GLU A 251 6.13 -4.38 31.89
C GLU A 251 6.40 -2.90 32.20
N ASN A 252 7.64 -2.60 32.59
CA ASN A 252 8.09 -1.21 32.83
C ASN A 252 7.32 -0.43 33.91
N GLY A 253 6.82 -1.16 34.91
CA GLY A 253 6.02 -0.55 35.98
C GLY A 253 4.60 -0.21 35.55
N GLY A 254 4.25 -0.52 34.30
CA GLY A 254 2.90 -0.27 33.76
C GLY A 254 2.53 1.20 33.61
N VAL A 255 3.55 2.04 33.39
CA VAL A 255 3.32 3.50 33.23
C VAL A 255 2.66 3.88 31.90
N ALA A 256 2.76 3.01 30.89
CA ALA A 256 2.21 3.30 29.59
C ALA A 256 0.69 3.44 29.72
N THR A 257 0.07 4.32 28.94
CA THR A 257 -1.40 4.43 28.96
C THR A 257 -1.98 4.11 27.58
N ARG A 258 -3.22 3.63 27.59
CA ARG A 258 -3.95 3.33 26.35
C ARG A 258 -5.40 3.84 26.48
N ASP A 259 -6.00 4.25 25.36
CA ASP A 259 -7.43 4.59 25.36
C ASP A 259 -8.22 3.35 25.03
N PHE A 260 -8.46 2.53 26.03
CA PHE A 260 -9.25 1.31 25.80
C PHE A 260 -10.69 1.66 25.40
N ILE A 261 -11.30 0.78 24.58
CA ILE A 261 -12.71 0.97 24.20
C ILE A 261 -13.35 -0.40 24.19
N PHE A 262 -14.55 -0.47 24.77
CA PHE A 262 -15.27 -1.71 24.92
C PHE A 262 -15.78 -2.14 23.56
N VAL A 263 -15.67 -3.43 23.27
CA VAL A 263 -16.05 -3.93 21.95
C VAL A 263 -17.52 -3.63 21.54
N GLU A 264 -18.46 -3.67 22.49
CA GLU A 264 -19.86 -3.30 22.14
C GLU A 264 -19.99 -1.86 21.66
N ASP A 265 -19.21 -0.94 22.26
CA ASP A 265 -19.15 0.42 21.75
C ASP A 265 -18.56 0.52 20.32
N VAL A 266 -17.52 -0.26 20.05
CA VAL A 266 -16.95 -0.31 18.71
C VAL A 266 -18.00 -0.78 17.71
N ALA A 267 -18.72 -1.86 18.04
CA ALA A 267 -19.78 -2.37 17.17
C ALA A 267 -20.81 -1.26 16.86
N ASN A 268 -21.25 -0.56 17.90
CA ASN A 268 -22.17 0.54 17.66
C ASN A 268 -21.57 1.66 16.79
N GLY A 269 -20.27 1.90 16.95
CA GLY A 269 -19.58 2.96 16.21
C GLY A 269 -19.47 2.61 14.74
N LEU A 270 -19.18 1.33 14.47
CA LEU A 270 -19.13 0.82 13.11
C LEU A 270 -20.53 0.96 12.45
N ILE A 271 -21.58 0.62 13.20
CA ILE A 271 -22.96 0.76 12.72
C ILE A 271 -23.32 2.23 12.44
N ALA A 272 -22.86 3.15 13.30
CA ALA A 272 -23.10 4.58 13.09
C ALA A 272 -22.44 5.06 11.79
N CYS A 273 -21.22 4.61 11.56
CA CYS A 273 -20.54 4.89 10.32
C CYS A 273 -21.35 4.38 9.13
N ALA A 274 -21.86 3.16 9.21
CA ALA A 274 -22.64 2.61 8.09
C ALA A 274 -23.87 3.44 7.84
N ALA A 275 -24.63 3.70 8.90
CA ALA A 275 -25.91 4.39 8.73
C ALA A 275 -25.71 5.86 8.29
N ASP A 276 -24.81 6.58 8.96
CA ASP A 276 -24.71 8.04 8.82
C ASP A 276 -23.35 8.65 8.41
N GLY A 277 -22.33 7.82 8.26
CA GLY A 277 -20.99 8.32 7.90
C GLY A 277 -20.95 8.84 6.47
N THR A 278 -20.26 9.96 6.28
CA THR A 278 -20.05 10.53 4.92
C THR A 278 -19.20 9.65 3.98
N PRO A 279 -19.74 9.29 2.79
CA PRO A 279 -18.89 8.53 1.83
C PRO A 279 -17.58 9.26 1.54
N GLY A 280 -16.49 8.50 1.53
CA GLY A 280 -15.15 9.05 1.40
C GLY A 280 -14.55 9.51 2.72
N GLY A 281 -15.34 9.46 3.80
CA GLY A 281 -14.93 10.07 5.06
C GLY A 281 -14.24 9.11 6.02
N VAL A 282 -13.75 9.68 7.11
CA VAL A 282 -13.12 8.90 8.21
C VAL A 282 -13.58 9.43 9.59
N TYR A 283 -13.77 8.50 10.52
CA TYR A 283 -14.14 8.78 11.89
C TYR A 283 -13.28 7.98 12.87
N ASN A 284 -12.75 8.66 13.89
CA ASN A 284 -12.23 8.03 15.10
C ASN A 284 -13.40 7.44 15.93
N ILE A 285 -13.31 6.15 16.24
CA ILE A 285 -14.25 5.48 17.14
C ILE A 285 -13.42 5.23 18.41
N ALA A 286 -13.61 6.08 19.41
CA ALA A 286 -12.68 6.20 20.53
C ALA A 286 -13.42 6.47 21.82
N SER A 287 -12.82 6.05 22.93
CA SER A 287 -13.41 6.34 24.26
C SER A 287 -13.04 7.72 24.79
N GLY A 288 -11.90 8.26 24.35
CA GLY A 288 -11.41 9.53 24.92
C GLY A 288 -10.89 9.46 26.34
N LYS A 289 -10.70 8.25 26.86
CA LYS A 289 -10.30 8.06 28.26
C LYS A 289 -9.05 7.15 28.25
N GLU A 290 -7.98 7.63 28.89
CA GLU A 290 -6.72 6.87 29.01
C GLU A 290 -6.65 6.11 30.36
N THR A 291 -6.22 4.84 30.31
CA THR A 291 -5.96 3.99 31.48
C THR A 291 -4.53 3.49 31.37
N SER A 292 -3.77 3.58 32.47
CA SER A 292 -2.42 3.03 32.48
C SER A 292 -2.53 1.51 32.57
N ILE A 293 -1.49 0.82 32.11
CA ILE A 293 -1.49 -0.65 32.16
C ILE A 293 -1.45 -1.11 33.63
N ALA A 294 -0.76 -0.33 34.45
CA ALA A 294 -0.76 -0.63 35.89
C ALA A 294 -2.18 -0.59 36.45
N ASP A 295 -2.98 0.43 36.06
CA ASP A 295 -4.37 0.54 36.56
C ASP A 295 -5.29 -0.54 35.97
N LEU A 296 -5.05 -0.84 34.71
CA LEU A 296 -5.70 -2.01 34.09
C LEU A 296 -5.48 -3.27 34.92
N ALA A 297 -4.21 -3.57 35.25
CA ALA A 297 -3.85 -4.75 36.04
C ALA A 297 -4.52 -4.72 37.41
N THR A 298 -4.49 -3.55 38.05
CA THR A 298 -5.06 -3.39 39.37
C THR A 298 -6.57 -3.69 39.37
N LYS A 299 -7.27 -3.17 38.39
CA LYS A 299 -8.72 -3.36 38.29
C LYS A 299 -9.04 -4.83 38.04
N ILE A 300 -8.28 -5.44 37.13
CA ILE A 300 -8.45 -6.85 36.82
C ILE A 300 -8.23 -7.69 38.08
N ASN A 301 -7.13 -7.43 38.78
CA ASN A 301 -6.84 -8.14 40.02
C ASN A 301 -7.91 -7.99 41.11
N GLU A 302 -8.43 -6.77 41.25
CA GLU A 302 -9.51 -6.47 42.20
C GLU A 302 -10.81 -7.22 41.89
N ILE A 303 -11.22 -7.20 40.62
CA ILE A 303 -12.47 -7.85 40.22
C ILE A 303 -12.38 -9.36 40.34
N THR A 304 -11.22 -9.92 39.99
CA THR A 304 -11.01 -11.37 40.03
C THR A 304 -10.64 -11.93 41.40
N GLY A 305 -10.26 -11.03 42.33
CA GLY A 305 -9.72 -11.45 43.61
C GLY A 305 -8.34 -12.08 43.50
N ASN A 306 -7.57 -11.70 42.48
CA ASN A 306 -6.21 -12.19 42.31
C ASN A 306 -5.25 -11.44 43.27
N ASN A 307 -4.93 -12.09 44.39
CA ASN A 307 -4.14 -11.46 45.45
C ASN A 307 -2.64 -11.69 45.27
N THR A 308 -2.13 -11.45 44.07
CA THR A 308 -0.71 -11.60 43.80
C THR A 308 -0.12 -10.22 43.58
N GLU A 309 1.21 -10.11 43.65
CA GLU A 309 1.89 -8.83 43.57
C GLU A 309 1.86 -8.22 42.16
N LEU A 310 2.03 -6.91 42.13
CA LEU A 310 2.09 -6.12 40.91
C LEU A 310 3.22 -5.13 41.09
N ASP A 311 4.20 -5.17 40.19
CA ASP A 311 5.38 -4.33 40.26
CA ASP A 311 5.36 -4.29 40.30
C ASP A 311 5.13 -3.02 39.49
N ARG A 312 4.40 -2.09 40.09
CA ARG A 312 4.10 -0.85 39.39
C ARG A 312 4.98 0.30 39.84
N LEU A 313 5.15 1.28 38.95
CA LEU A 313 5.99 2.43 39.23
C LEU A 313 5.22 3.73 38.96
N PRO A 314 5.65 4.84 39.59
CA PRO A 314 4.94 6.09 39.32
C PRO A 314 5.25 6.61 37.94
N LYS A 315 4.22 7.14 37.26
CA LYS A 315 4.42 7.75 35.94
C LYS A 315 5.20 9.06 36.11
N ARG A 316 6.17 9.24 35.24
CA ARG A 316 6.97 10.47 35.21
C ARG A 316 6.71 11.20 33.88
N PRO A 317 7.02 12.51 33.81
CA PRO A 317 6.75 13.29 32.61
C PRO A 317 7.32 12.74 31.31
N TRP A 318 8.44 12.04 31.39
CA TRP A 318 9.06 11.41 30.22
C TRP A 318 8.44 10.08 29.82
N ASP A 319 7.50 9.56 30.61
CA ASP A 319 6.97 8.23 30.26
C ASP A 319 6.02 8.11 29.09
N ASN A 320 5.14 9.10 28.92
CA ASN A 320 4.19 8.98 27.79
C ASN A 320 4.20 10.23 26.94
N SER A 321 5.37 10.86 26.86
CA SER A 321 5.47 12.25 26.45
C SER A 321 5.03 12.53 24.99
N GLY A 322 5.39 11.64 24.07
CA GLY A 322 4.97 11.85 22.68
C GLY A 322 3.49 11.59 22.38
N LYS A 323 2.85 10.82 23.27
CA LYS A 323 1.55 10.17 23.02
C LYS A 323 0.38 11.09 22.62
N ARG A 324 -0.31 10.72 21.55
CA ARG A 324 -1.55 11.37 21.19
C ARG A 324 -2.65 10.30 21.10
N PHE A 325 -3.86 10.66 21.52
CA PHE A 325 -5.03 9.77 21.41
C PHE A 325 -6.02 10.42 20.43
N GLY A 326 -6.83 9.61 19.75
CA GLY A 326 -7.81 10.15 18.81
C GLY A 326 -8.99 10.83 19.48
N SER A 327 -9.35 12.01 19.00
CA SER A 327 -10.56 12.69 19.47
C SER A 327 -11.84 12.02 19.00
N PRO A 328 -12.77 11.78 19.94
CA PRO A 328 -14.06 11.20 19.56
C PRO A 328 -15.10 12.26 19.13
N GLU A 329 -14.69 13.52 19.02
CA GLU A 329 -15.64 14.60 18.77
CA GLU A 329 -15.63 14.61 18.77
C GLU A 329 -16.41 14.52 17.44
N LYS A 330 -15.71 14.19 16.35
CA LYS A 330 -16.36 14.14 15.04
C LYS A 330 -17.51 13.16 15.02
N ALA A 331 -17.26 11.95 15.54
CA ALA A 331 -18.26 10.89 15.56
C ALA A 331 -19.48 11.28 16.41
N ARG A 332 -19.22 12.01 17.49
CA ARG A 332 -20.29 12.49 18.38
C ARG A 332 -21.13 13.53 17.66
N ARG A 333 -20.44 14.52 17.07
CA ARG A 333 -21.09 15.65 16.40
C ARG A 333 -21.88 15.22 15.15
N GLU A 334 -21.27 14.36 14.34
CA GLU A 334 -21.85 14.03 13.03
C GLU A 334 -22.72 12.78 13.05
N LEU A 335 -22.37 11.80 13.89
CA LEU A 335 -23.09 10.51 13.94
C LEU A 335 -23.96 10.32 15.18
N GLY A 336 -23.83 11.23 16.15
CA GLY A 336 -24.47 11.05 17.46
C GLY A 336 -23.96 9.85 18.24
N PHE A 337 -22.72 9.43 17.96
CA PHE A 337 -22.14 8.25 18.60
C PHE A 337 -21.18 8.66 19.69
N SER A 338 -21.35 8.03 20.85
CA SER A 338 -20.46 8.22 21.98
C SER A 338 -20.15 6.84 22.62
N ALA A 339 -18.87 6.56 22.86
CA ALA A 339 -18.46 5.29 23.47
C ALA A 339 -18.35 5.49 24.97
N ASP A 340 -19.45 5.22 25.67
CA ASP A 340 -19.60 5.53 27.08
C ASP A 340 -19.38 4.38 28.07
N VAL A 341 -19.16 3.15 27.59
CA VAL A 341 -18.91 2.03 28.52
C VAL A 341 -17.58 2.25 29.23
N SER A 342 -17.67 2.43 30.56
CA SER A 342 -16.50 2.70 31.38
C SER A 342 -15.56 1.50 31.46
N ILE A 343 -14.29 1.75 31.76
CA ILE A 343 -13.32 0.66 31.83
C ILE A 343 -13.72 -0.36 32.94
N ASP A 344 -14.29 0.12 34.03
CA ASP A 344 -14.73 -0.80 35.11
C ASP A 344 -15.88 -1.69 34.66
N ASP A 345 -16.91 -1.09 34.06
CA ASP A 345 -18.05 -1.88 33.59
C ASP A 345 -17.63 -2.84 32.48
N GLY A 346 -16.81 -2.36 31.55
CA GLY A 346 -16.28 -3.15 30.46
C GLY A 346 -15.48 -4.33 30.98
N LEU A 347 -14.62 -4.09 31.95
CA LEU A 347 -13.80 -5.18 32.51
C LEU A 347 -14.68 -6.23 33.22
N ARG A 348 -15.69 -5.75 33.94
CA ARG A 348 -16.58 -6.68 34.68
C ARG A 348 -17.24 -7.63 33.68
N LYS A 349 -17.75 -7.08 32.56
CA LYS A 349 -18.42 -7.91 31.55
C LYS A 349 -17.48 -8.92 30.91
N THR A 350 -16.29 -8.45 30.60
CA THR A 350 -15.28 -9.24 29.92
C THR A 350 -14.83 -10.37 30.82
N ILE A 351 -14.56 -10.06 32.07
CA ILE A 351 -14.19 -11.07 33.10
C ILE A 351 -15.29 -12.10 33.36
N GLU A 352 -16.55 -11.66 33.47
CA GLU A 352 -17.66 -12.59 33.59
C GLU A 352 -17.71 -13.56 32.39
N TRP A 353 -17.58 -13.01 31.16
CA TRP A 353 -17.61 -13.85 29.96
C TRP A 353 -16.44 -14.84 29.98
N THR A 354 -15.25 -14.34 30.35
CA THR A 354 -14.04 -15.18 30.33
C THR A 354 -14.16 -16.34 31.34
N LYS A 355 -14.61 -16.01 32.55
CA LYS A 355 -14.85 -17.04 33.57
C LYS A 355 -15.84 -18.12 33.08
N ALA A 356 -16.94 -17.69 32.50
CA ALA A 356 -17.98 -18.60 31.97
C ALA A 356 -17.50 -19.51 30.84
N ASN A 357 -16.46 -19.08 30.11
CA ASN A 357 -15.94 -19.82 28.96
C ASN A 357 -14.50 -20.31 29.18
N LEU A 358 -14.03 -20.38 30.42
CA LEU A 358 -12.62 -20.58 30.67
C LEU A 358 -12.11 -21.93 30.11
N ALA A 359 -12.87 -23.01 30.34
CA ALA A 359 -12.50 -24.33 29.82
C ALA A 359 -12.34 -24.35 28.28
N VAL A 360 -13.28 -23.73 27.56
CA VAL A 360 -13.17 -23.75 26.11
C VAL A 360 -12.00 -22.88 25.61
N ILE A 361 -11.78 -21.76 26.28
CA ILE A 361 -10.65 -20.89 25.94
C ILE A 361 -9.36 -21.65 26.11
N GLU A 362 -9.25 -22.37 27.23
CA GLU A 362 -8.05 -23.15 27.52
C GLU A 362 -7.84 -24.25 26.47
N GLN A 363 -8.90 -24.94 26.06
CA GLN A 363 -8.80 -25.95 25.00
C GLN A 363 -8.27 -25.30 23.71
N ILE A 364 -8.74 -24.10 23.41
CA ILE A 364 -8.31 -23.38 22.22
C ILE A 364 -6.82 -22.96 22.30
N MET A 365 -6.43 -22.37 23.43
CA MET A 365 -5.02 -22.00 23.63
C MET A 365 -4.08 -23.22 23.48
N ARG A 366 -4.48 -24.35 24.08
CA ARG A 366 -3.67 -25.57 24.11
C ARG A 366 -3.32 -26.14 22.75
N LYS A 367 -4.11 -25.81 21.72
CA LYS A 367 -3.77 -26.34 20.40
C LYS A 367 -2.41 -25.86 19.93
N HIS A 368 -1.95 -24.71 20.44
CA HIS A 368 -0.66 -24.15 20.04
C HIS A 368 0.51 -24.49 20.97
N ASP A 369 0.27 -25.37 21.94
CA ASP A 369 1.32 -25.78 22.88
C ASP A 369 2.65 -26.16 22.20
N SER A 370 2.58 -26.99 21.16
CA SER A 370 3.78 -27.44 20.45
C SER A 370 4.52 -26.30 19.78
N ALA A 371 3.77 -25.42 19.12
CA ALA A 371 4.37 -24.34 18.35
C ALA A 371 4.97 -23.32 19.31
N LEU A 372 4.31 -23.13 20.45
CA LEU A 372 4.75 -22.22 21.49
C LEU A 372 6.08 -22.69 22.11
N ALA A 373 6.20 -24.01 22.30
CA ALA A 373 7.37 -24.63 22.93
C ALA A 373 8.65 -24.52 22.07
N THR A 374 8.48 -24.50 20.75
CA THR A 374 9.63 -24.44 19.84
C THR A 374 9.95 -23.02 19.33
N TYR A 375 9.09 -22.05 19.63
CA TYR A 375 9.27 -20.69 19.09
C TYR A 375 10.66 -20.12 19.39
N ALA B 27 30.03 6.27 -9.25
CA ALA B 27 29.90 5.61 -10.58
C ALA B 27 30.83 4.40 -10.76
N SER B 28 32.15 4.63 -10.62
CA SER B 28 33.09 3.53 -10.68
C SER B 28 33.03 2.62 -9.45
N LYS B 29 32.35 3.07 -8.38
CA LYS B 29 32.05 2.17 -7.26
C LYS B 29 31.36 0.90 -7.80
N LEU B 30 30.74 1.02 -8.99
CA LEU B 30 30.03 -0.11 -9.60
C LEU B 30 30.92 -0.93 -10.53
N ALA B 31 32.12 -0.44 -10.83
CA ALA B 31 33.01 -1.19 -11.66
C ALA B 31 33.11 -2.60 -11.10
N ASN B 32 32.92 -3.60 -11.97
CA ASN B 32 33.19 -5.00 -11.64
C ASN B 32 32.25 -5.57 -10.60
N THR B 33 31.11 -4.91 -10.40
CA THR B 33 30.16 -5.39 -9.43
C THR B 33 29.10 -6.21 -10.19
N ASN B 34 28.34 -7.00 -9.44
CA ASN B 34 27.19 -7.72 -10.00
C ASN B 34 25.92 -6.96 -9.66
N VAL B 35 25.14 -6.67 -10.69
CA VAL B 35 23.98 -5.80 -10.54
C VAL B 35 22.75 -6.51 -11.08
N MET B 36 21.64 -6.40 -10.35
CA MET B 36 20.36 -6.86 -10.88
CA MET B 36 20.35 -6.86 -10.86
C MET B 36 19.50 -5.65 -11.26
N VAL B 37 18.92 -5.68 -12.46
CA VAL B 37 17.96 -4.63 -12.84
C VAL B 37 16.59 -5.26 -13.09
N VAL B 38 15.71 -5.12 -12.11
CA VAL B 38 14.33 -5.59 -12.23
C VAL B 38 13.58 -4.56 -13.06
N GLY B 39 12.91 -5.03 -14.11
CA GLY B 39 12.32 -4.10 -15.07
C GLY B 39 13.37 -3.56 -16.05
N GLY B 40 14.51 -4.25 -16.14
CA GLY B 40 15.65 -3.78 -16.92
C GLY B 40 15.50 -3.75 -18.44
N ALA B 41 14.42 -4.34 -18.94
CA ALA B 41 14.10 -4.32 -20.38
C ALA B 41 13.29 -3.09 -20.82
N GLY B 42 12.83 -2.30 -19.84
CA GLY B 42 11.95 -1.18 -20.18
C GLY B 42 12.71 0.05 -20.62
N PHE B 43 12.02 1.18 -20.62
CA PHE B 43 12.60 2.44 -21.09
C PHE B 43 13.78 2.92 -20.23
N VAL B 44 13.52 3.21 -18.96
CA VAL B 44 14.58 3.67 -18.08
C VAL B 44 15.55 2.51 -17.90
N GLY B 45 15.01 1.31 -17.69
CA GLY B 45 15.83 0.13 -17.44
C GLY B 45 16.90 -0.12 -18.49
N SER B 46 16.49 -0.15 -19.78
CA SER B 46 17.43 -0.45 -20.86
CA SER B 46 17.42 -0.42 -20.89
C SER B 46 18.54 0.60 -20.94
N ASN B 47 18.19 1.85 -20.72
CA ASN B 47 19.18 2.91 -20.66
C ASN B 47 20.16 2.73 -19.49
N LEU B 48 19.63 2.36 -18.32
CA LEU B 48 20.46 2.09 -17.13
C LEU B 48 21.44 0.94 -17.40
N VAL B 49 20.94 -0.15 -17.99
CA VAL B 49 21.77 -1.29 -18.34
C VAL B 49 22.93 -0.90 -19.27
N LYS B 50 22.62 -0.15 -20.33
CA LYS B 50 23.67 0.37 -21.21
C LYS B 50 24.78 1.13 -20.46
N ARG B 51 24.37 1.99 -19.52
CA ARG B 51 25.28 2.82 -18.75
C ARG B 51 26.10 1.98 -17.79
N LEU B 52 25.46 1.01 -17.14
CA LEU B 52 26.18 0.05 -16.31
C LEU B 52 27.30 -0.66 -17.08
N LEU B 53 27.01 -1.09 -18.31
CA LEU B 53 28.03 -1.75 -19.13
C LEU B 53 29.18 -0.81 -19.47
N GLU B 54 28.86 0.45 -19.77
CA GLU B 54 29.87 1.48 -20.03
C GLU B 54 30.78 1.63 -18.82
N LEU B 55 30.17 1.50 -17.65
CA LEU B 55 30.84 1.65 -16.38
C LEU B 55 31.66 0.41 -16.02
N GLY B 56 31.46 -0.68 -16.75
CA GLY B 56 32.31 -1.84 -16.58
C GLY B 56 31.93 -2.72 -15.42
N VAL B 57 30.62 -2.82 -15.16
CA VAL B 57 30.12 -3.80 -14.19
C VAL B 57 30.51 -5.20 -14.66
N ASN B 58 30.64 -6.13 -13.71
CA ASN B 58 30.93 -7.51 -14.04
C ASN B 58 29.77 -8.19 -14.74
N GLN B 59 28.56 -8.01 -14.22
CA GLN B 59 27.42 -8.72 -14.74
C GLN B 59 26.16 -7.92 -14.43
N VAL B 60 25.24 -7.89 -15.39
CA VAL B 60 23.88 -7.36 -15.13
C VAL B 60 22.86 -8.48 -15.31
N HIS B 61 22.06 -8.74 -14.28
CA HIS B 61 20.99 -9.70 -14.40
C HIS B 61 19.72 -8.89 -14.59
N VAL B 62 19.15 -8.96 -15.80
CA VAL B 62 17.89 -8.26 -16.08
C VAL B 62 16.76 -9.22 -15.80
N VAL B 63 15.79 -8.81 -14.98
CA VAL B 63 14.61 -9.62 -14.76
C VAL B 63 13.42 -8.80 -15.26
N ASP B 64 12.71 -9.31 -16.27
CA ASP B 64 11.66 -8.52 -16.89
C ASP B 64 10.71 -9.46 -17.60
N ASN B 65 9.42 -9.33 -17.33
CA ASN B 65 8.40 -10.15 -18.01
C ASN B 65 7.95 -9.60 -19.37
N LEU B 66 8.53 -8.48 -19.80
CA LEU B 66 8.17 -7.85 -21.10
C LEU B 66 6.69 -7.41 -21.19
N LEU B 67 6.10 -7.15 -20.03
CA LEU B 67 4.71 -6.71 -20.00
C LEU B 67 4.55 -5.38 -20.73
N SER B 68 5.53 -4.48 -20.58
CA SER B 68 5.44 -3.15 -21.23
C SER B 68 6.74 -2.86 -21.95
N ALA B 69 7.42 -3.92 -22.40
CA ALA B 69 8.76 -3.76 -22.98
C ALA B 69 8.94 -4.71 -24.18
N GLU B 70 10.01 -4.47 -24.92
CA GLU B 70 10.33 -5.23 -26.12
C GLU B 70 11.70 -5.89 -25.92
N LYS B 71 11.84 -7.14 -26.36
CA LYS B 71 13.10 -7.84 -26.20
C LYS B 71 14.28 -7.15 -26.91
N ILE B 72 14.00 -6.37 -27.97
CA ILE B 72 15.07 -5.69 -28.70
C ILE B 72 15.75 -4.63 -27.81
N ASN B 73 15.10 -4.28 -26.69
CA ASN B 73 15.69 -3.41 -25.70
C ASN B 73 16.59 -4.17 -24.69
N VAL B 74 16.70 -5.48 -24.84
CA VAL B 74 17.65 -6.28 -24.06
C VAL B 74 18.83 -6.68 -24.93
N PRO B 75 20.02 -6.10 -24.66
CA PRO B 75 21.19 -6.37 -25.49
C PRO B 75 21.66 -7.81 -25.34
N ASP B 76 22.09 -8.40 -26.46
CA ASP B 76 22.95 -9.57 -26.38
C ASP B 76 24.36 -9.02 -26.11
N HIS B 77 24.87 -9.30 -24.92
CA HIS B 77 26.17 -8.84 -24.46
C HIS B 77 26.58 -9.86 -23.41
N PRO B 78 27.83 -10.34 -23.46
CA PRO B 78 28.24 -11.44 -22.58
C PRO B 78 28.01 -11.20 -21.08
N ALA B 79 27.97 -9.94 -20.67
CA ALA B 79 27.84 -9.62 -19.25
C ALA B 79 26.38 -9.47 -18.82
N VAL B 80 25.45 -9.53 -19.77
CA VAL B 80 24.02 -9.45 -19.47
C VAL B 80 23.40 -10.85 -19.43
N ARG B 81 22.70 -11.15 -18.33
CA ARG B 81 21.88 -12.35 -18.22
C ARG B 81 20.42 -11.90 -18.19
N PHE B 82 19.56 -12.56 -18.97
CA PHE B 82 18.16 -12.11 -19.05
C PHE B 82 17.19 -13.21 -18.60
N SER B 83 16.46 -12.91 -17.54
CA SER B 83 15.39 -13.78 -17.06
C SER B 83 14.06 -13.20 -17.48
N GLU B 84 13.44 -13.85 -18.46
CA GLU B 84 12.16 -13.40 -19.00
C GLU B 84 11.01 -13.89 -18.11
N THR B 85 10.86 -13.25 -16.95
CA THR B 85 10.02 -13.80 -15.89
C THR B 85 9.58 -12.64 -15.01
N SER B 86 8.38 -12.73 -14.43
CA SER B 86 7.98 -11.80 -13.39
C SER B 86 8.82 -11.90 -12.14
N ILE B 87 9.13 -10.75 -11.54
CA ILE B 87 9.89 -10.76 -10.29
C ILE B 87 9.03 -11.33 -9.14
N THR B 88 7.72 -11.48 -9.36
CA THR B 88 6.88 -12.10 -8.31
C THR B 88 6.85 -13.60 -8.45
N ASP B 89 7.58 -14.14 -9.41
CA ASP B 89 7.56 -15.59 -9.62
C ASP B 89 8.34 -16.28 -8.47
N ASP B 90 7.67 -17.13 -7.70
CA ASP B 90 8.34 -17.78 -6.54
C ASP B 90 9.63 -18.56 -6.88
N ALA B 91 9.60 -19.31 -7.99
CA ALA B 91 10.73 -20.14 -8.40
C ALA B 91 11.92 -19.25 -8.73
N LEU B 92 11.65 -18.13 -9.42
CA LEU B 92 12.71 -17.20 -9.78
C LEU B 92 13.29 -16.64 -8.48
N LEU B 93 12.43 -16.19 -7.59
CA LEU B 93 12.92 -15.59 -6.34
C LEU B 93 13.79 -16.56 -5.55
N ALA B 94 13.30 -17.79 -5.43
CA ALA B 94 14.04 -18.84 -4.69
C ALA B 94 15.41 -19.17 -5.30
N SER B 95 15.51 -19.04 -6.63
CA SER B 95 16.75 -19.32 -7.35
C SER B 95 17.81 -18.22 -7.21
N LEU B 96 17.40 -17.01 -6.79
CA LEU B 96 18.36 -15.91 -6.61
C LEU B 96 19.36 -16.26 -5.50
N GLN B 97 20.62 -15.89 -5.71
CA GLN B 97 21.67 -16.15 -4.73
C GLN B 97 22.23 -14.81 -4.23
N ASP B 98 22.91 -14.84 -3.09
CA ASP B 98 23.43 -13.61 -2.49
C ASP B 98 24.75 -13.26 -3.23
N GLU B 99 24.59 -12.81 -4.48
CA GLU B 99 25.71 -12.57 -5.39
C GLU B 99 25.62 -11.20 -6.07
N TYR B 100 24.77 -10.33 -5.51
CA TYR B 100 24.59 -8.98 -6.05
C TYR B 100 25.12 -7.92 -5.12
N ASP B 101 25.88 -7.01 -5.71
CA ASP B 101 26.29 -5.81 -4.99
C ASP B 101 25.20 -4.73 -5.02
N TYR B 102 24.47 -4.64 -6.14
CA TYR B 102 23.46 -3.59 -6.32
C TYR B 102 22.23 -4.18 -6.95
N VAL B 103 21.05 -3.73 -6.50
CA VAL B 103 19.77 -4.05 -7.16
C VAL B 103 19.04 -2.77 -7.50
N PHE B 104 18.62 -2.67 -8.76
CA PHE B 104 17.77 -1.57 -9.20
C PHE B 104 16.40 -2.17 -9.46
N HIS B 105 15.43 -1.66 -8.72
CA HIS B 105 14.04 -2.09 -8.85
C HIS B 105 13.20 -1.07 -9.61
N LEU B 106 13.06 -1.34 -10.90
CA LEU B 106 12.43 -0.40 -11.86
C LEU B 106 11.10 -0.93 -12.42
N ALA B 107 10.68 -2.14 -12.07
CA ALA B 107 9.47 -2.69 -12.65
C ALA B 107 8.24 -1.90 -12.21
N THR B 108 7.28 -1.80 -13.10
CA THR B 108 6.00 -1.18 -12.76
C THR B 108 4.93 -1.67 -13.71
N TYR B 109 3.68 -1.26 -13.46
CA TYR B 109 2.61 -1.58 -14.41
C TYR B 109 2.34 -0.29 -15.19
N HIS B 110 2.75 -0.25 -16.46
CA HIS B 110 2.74 0.97 -17.22
C HIS B 110 1.33 1.25 -17.80
N GLY B 111 0.65 2.32 -17.38
CA GLY B 111 1.00 3.28 -16.30
C GLY B 111 -0.27 3.74 -15.62
N ASN B 112 -0.45 5.05 -15.46
CA ASN B 112 -1.68 5.54 -14.81
C ASN B 112 -2.97 5.00 -15.41
N GLN B 113 -3.17 5.24 -16.69
CA GLN B 113 -4.38 4.82 -17.36
C GLN B 113 -4.58 3.28 -17.29
N SER B 114 -3.54 2.52 -17.60
CA SER B 114 -3.61 1.05 -17.57
C SER B 114 -4.10 0.60 -16.16
N SER B 115 -3.53 1.22 -15.14
CA SER B 115 -3.83 0.83 -13.72
C SER B 115 -5.29 1.07 -13.34
N ILE B 116 -5.86 2.17 -13.83
CA ILE B 116 -7.26 2.51 -13.59
C ILE B 116 -8.16 1.45 -14.25
N HIS B 117 -7.76 1.04 -15.45
CA HIS B 117 -8.50 0.03 -16.17
C HIS B 117 -8.55 -1.33 -15.46
N ASP B 118 -7.41 -1.72 -14.87
CA ASP B 118 -7.33 -3.00 -14.18
C ASP B 118 -6.44 -2.88 -12.93
N PRO B 119 -7.02 -2.47 -11.79
CA PRO B 119 -6.23 -2.33 -10.55
C PRO B 119 -5.60 -3.62 -10.07
N LEU B 120 -6.14 -4.78 -10.45
CA LEU B 120 -5.57 -6.06 -9.99
C LEU B 120 -4.30 -6.40 -10.81
N ALA B 121 -4.31 -6.11 -12.10
CA ALA B 121 -3.11 -6.23 -12.90
C ALA B 121 -2.03 -5.27 -12.40
N ASP B 122 -2.44 -4.06 -12.04
CA ASP B 122 -1.50 -3.15 -11.45
C ASP B 122 -0.89 -3.75 -10.16
N HIS B 123 -1.74 -4.22 -9.26
CA HIS B 123 -1.26 -4.67 -7.95
C HIS B 123 -0.19 -5.77 -8.14
N GLU B 124 -0.48 -6.74 -9.00
CA GLU B 124 0.46 -7.83 -9.31
C GLU B 124 1.82 -7.35 -9.83
N ASN B 125 1.84 -6.30 -10.65
CA ASN B 125 3.06 -5.87 -11.34
C ASN B 125 3.63 -4.56 -10.84
N ASN B 126 3.06 -4.05 -9.73
CA ASN B 126 3.46 -2.72 -9.23
C ASN B 126 3.56 -2.64 -7.70
N THR B 127 2.74 -3.38 -6.98
CA THR B 127 2.81 -3.38 -5.47
C THR B 127 3.46 -4.70 -5.01
N LEU B 128 2.91 -5.81 -5.46
CA LEU B 128 3.41 -7.12 -5.04
C LEU B 128 4.88 -7.39 -5.46
N THR B 129 5.26 -6.79 -6.59
CA THR B 129 6.64 -6.82 -7.06
C THR B 129 7.61 -6.38 -5.98
N THR B 130 7.38 -5.18 -5.47
CA THR B 130 8.27 -4.62 -4.46
C THR B 130 8.32 -5.53 -3.22
N LEU B 131 7.16 -5.94 -2.72
CA LEU B 131 7.10 -6.68 -1.46
C LEU B 131 7.82 -8.01 -1.60
N LYS B 132 7.48 -8.78 -2.63
CA LYS B 132 8.15 -10.07 -2.76
C LYS B 132 9.65 -9.96 -3.06
N LEU B 133 10.04 -8.95 -3.84
CA LEU B 133 11.46 -8.74 -4.08
C LEU B 133 12.17 -8.48 -2.74
N TYR B 134 11.66 -7.51 -1.98
CA TYR B 134 12.29 -7.15 -0.69
C TYR B 134 12.32 -8.31 0.28
N GLU B 135 11.27 -9.13 0.25
CA GLU B 135 11.17 -10.26 1.16
C GLU B 135 12.27 -11.29 0.87
N ARG B 136 12.59 -11.47 -0.42
CA ARG B 136 13.76 -12.30 -0.79
C ARG B 136 15.10 -11.66 -0.45
N LEU B 137 15.25 -10.38 -0.80
CA LEU B 137 16.52 -9.67 -0.65
C LEU B 137 16.96 -9.43 0.81
N LYS B 138 16.00 -9.52 1.73
CA LYS B 138 16.30 -9.12 3.12
C LYS B 138 17.37 -10.00 3.75
N HIS B 139 17.56 -11.19 3.15
CA HIS B 139 18.52 -12.22 3.55
C HIS B 139 19.90 -12.02 2.94
N PHE B 140 20.02 -11.10 1.98
CA PHE B 140 21.24 -10.98 1.19
C PHE B 140 22.21 -9.96 1.77
N LYS B 141 23.40 -10.41 2.18
CA LYS B 141 24.34 -9.54 2.89
C LYS B 141 25.43 -8.93 2.00
N ARG B 142 25.49 -9.37 0.74
CA ARG B 142 26.39 -8.75 -0.25
C ARG B 142 25.88 -7.40 -0.76
N LEU B 143 24.58 -7.14 -0.57
CA LEU B 143 23.99 -5.91 -1.08
C LEU B 143 24.61 -4.67 -0.43
N LYS B 144 25.11 -3.77 -1.27
CA LYS B 144 25.48 -2.44 -0.83
C LYS B 144 24.28 -1.49 -0.89
N LYS B 145 23.46 -1.60 -1.95
CA LYS B 145 22.33 -0.67 -2.16
C LYS B 145 21.25 -1.29 -3.00
N VAL B 146 20.02 -0.92 -2.68
CA VAL B 146 18.84 -1.33 -3.43
C VAL B 146 18.11 -0.05 -3.78
N VAL B 147 18.04 0.24 -5.08
CA VAL B 147 17.50 1.53 -5.53
C VAL B 147 16.15 1.26 -6.12
N TYR B 148 15.16 1.98 -5.58
CA TYR B 148 13.78 1.85 -6.02
C TYR B 148 13.37 3.11 -6.78
N SER B 149 12.91 2.96 -8.02
CA SER B 149 12.41 4.12 -8.77
C SER B 149 10.99 4.42 -8.32
N ALA B 150 10.83 5.52 -7.59
CA ALA B 150 9.56 5.95 -7.03
C ALA B 150 8.92 6.94 -8.04
N ALA B 151 7.76 7.51 -7.75
CA ALA B 151 7.23 8.52 -8.67
C ALA B 151 7.58 9.91 -8.16
N GLY B 152 7.29 10.95 -8.92
CA GLY B 152 7.68 12.31 -8.53
C GLY B 152 6.65 13.07 -7.70
N GLU B 167 12.01 20.34 -1.82
CA GLU B 167 12.85 19.46 -0.99
C GLU B 167 12.12 18.17 -0.64
N GLU B 168 12.89 17.09 -0.50
CA GLU B 168 12.34 15.74 -0.29
C GLU B 168 11.62 15.65 1.06
N THR B 169 10.40 15.12 1.06
CA THR B 169 9.69 14.93 2.33
C THR B 169 9.15 13.52 2.35
N ASP B 170 8.88 13.01 3.55
CA ASP B 170 8.32 11.66 3.66
C ASP B 170 6.95 11.64 4.27
N ILE B 171 6.20 12.71 4.03
CA ILE B 171 4.78 12.83 4.41
C ILE B 171 3.95 12.78 3.13
N VAL B 172 2.86 12.02 3.14
CA VAL B 172 2.04 11.88 1.93
C VAL B 172 0.57 12.08 2.29
N SER B 173 -0.26 12.47 1.34
CA SER B 173 -1.71 12.55 1.58
C SER B 173 -2.40 11.31 1.03
N LEU B 174 -3.45 10.87 1.72
CA LEU B 174 -4.30 9.78 1.23
C LEU B 174 -5.07 10.25 -0.01
N HIS B 175 -5.15 11.57 -0.21
CA HIS B 175 -5.95 12.14 -1.29
C HIS B 175 -5.22 12.46 -2.59
N ASN B 176 -3.91 12.42 -2.57
CA ASN B 176 -3.20 12.88 -3.77
C ASN B 176 -3.18 11.92 -5.02
N ASN B 177 -3.84 10.76 -4.94
CA ASN B 177 -3.56 9.64 -5.83
C ASN B 177 -4.61 9.37 -6.88
N ASP B 178 -4.32 9.71 -8.12
CA ASP B 178 -5.29 9.65 -9.22
CA ASP B 178 -5.40 9.64 -9.11
C ASP B 178 -5.51 8.24 -9.74
N SER B 179 -4.66 7.32 -9.31
CA SER B 179 -4.67 5.99 -9.89
C SER B 179 -4.09 4.90 -8.99
N PRO B 180 -4.46 3.65 -9.28
CA PRO B 180 -3.76 2.54 -8.58
C PRO B 180 -2.27 2.57 -8.80
N TYR B 181 -1.81 2.97 -9.99
CA TYR B 181 -0.37 3.11 -10.24
C TYR B 181 0.25 4.03 -9.19
N SER B 182 -0.36 5.19 -8.98
CA SER B 182 0.22 6.17 -8.06
CA SER B 182 0.21 6.16 -8.05
CA SER B 182 0.15 6.20 -8.04
C SER B 182 0.26 5.62 -6.63
N MET B 183 -0.78 4.89 -6.24
CA MET B 183 -0.78 4.22 -4.93
C MET B 183 0.34 3.19 -4.89
N SER B 184 0.41 2.29 -5.88
CA SER B 184 1.53 1.34 -5.88
C SER B 184 2.94 1.98 -5.77
N LYS B 185 3.15 3.10 -6.45
CA LYS B 185 4.49 3.75 -6.36
C LYS B 185 4.76 4.18 -4.91
N ILE B 186 3.75 4.78 -4.28
CA ILE B 186 3.86 5.23 -2.86
C ILE B 186 4.05 4.02 -1.95
N PHE B 187 3.26 2.99 -2.20
CA PHE B 187 3.39 1.77 -1.38
C PHE B 187 4.83 1.29 -1.39
N GLY B 188 5.47 1.31 -2.57
CA GLY B 188 6.86 0.85 -2.65
C GLY B 188 7.79 1.68 -1.80
N GLU B 189 7.50 2.99 -1.62
CA GLU B 189 8.28 3.81 -0.69
C GLU B 189 8.07 3.36 0.76
N PHE B 190 6.81 3.08 1.13
CA PHE B 190 6.49 2.56 2.48
C PHE B 190 7.34 1.27 2.69
N TYR B 191 7.27 0.35 1.72
CA TYR B 191 8.04 -0.90 1.87
C TYR B 191 9.52 -0.64 1.97
N SER B 192 10.03 0.31 1.18
CA SER B 192 11.48 0.63 1.21
C SER B 192 11.94 1.13 2.57
N VAL B 193 11.13 1.97 3.19
CA VAL B 193 11.43 2.46 4.52
C VAL B 193 11.36 1.34 5.55
N TYR B 194 10.29 0.50 5.46
CA TYR B 194 10.12 -0.58 6.40
C TYR B 194 11.28 -1.57 6.36
N TYR B 195 11.62 -2.05 5.16
CA TYR B 195 12.67 -3.07 5.00
C TYR B 195 14.03 -2.55 5.43
N HIS B 196 14.27 -1.24 5.27
CA HIS B 196 15.50 -0.68 5.83
C HIS B 196 15.48 -0.67 7.39
N LYS B 197 14.38 -0.21 7.94
CA LYS B 197 14.29 -0.05 9.40
C LYS B 197 14.35 -1.43 10.09
N GLN B 198 13.60 -2.38 9.52
CA GLN B 198 13.39 -3.65 10.20
C GLN B 198 14.52 -4.65 9.91
N HIS B 199 15.01 -4.62 8.68
CA HIS B 199 15.89 -5.69 8.21
C HIS B 199 17.20 -5.14 7.65
N GLN B 200 17.43 -3.83 7.80
CA GLN B 200 18.65 -3.18 7.30
C GLN B 200 18.85 -3.36 5.77
N LEU B 201 17.76 -3.57 5.02
CA LEU B 201 17.88 -3.58 3.56
C LEU B 201 18.30 -2.18 3.11
N PRO B 202 19.42 -2.05 2.36
CA PRO B 202 19.98 -0.70 2.15
C PRO B 202 19.28 0.05 1.00
N THR B 203 18.03 0.39 1.22
CA THR B 203 17.23 1.01 0.17
C THR B 203 17.49 2.49 -0.01
N VAL B 204 17.38 2.90 -1.26
CA VAL B 204 17.40 4.32 -1.62
C VAL B 204 16.23 4.52 -2.56
N ARG B 205 15.36 5.45 -2.22
CA ARG B 205 14.23 5.80 -3.10
C ARG B 205 14.66 6.93 -4.04
N ALA B 206 14.47 6.73 -5.32
CA ALA B 206 14.79 7.77 -6.32
C ALA B 206 13.50 8.29 -6.95
N ARG B 207 13.15 9.55 -6.66
CA ARG B 207 11.91 10.13 -7.18
C ARG B 207 12.22 10.89 -8.45
N PHE B 208 11.50 10.56 -9.51
CA PHE B 208 11.59 11.35 -10.73
C PHE B 208 10.27 11.39 -11.50
N GLN B 209 10.22 12.21 -12.55
CA GLN B 209 9.03 12.28 -13.40
C GLN B 209 9.40 12.89 -14.74
N ASN B 210 8.53 12.66 -15.73
CA ASN B 210 8.68 13.21 -17.08
C ASN B 210 10.01 12.89 -17.75
N VAL B 211 10.39 11.63 -17.66
CA VAL B 211 11.56 11.14 -18.38
C VAL B 211 11.25 11.00 -19.87
N TYR B 212 12.23 11.30 -20.71
CA TYR B 212 12.06 11.09 -22.15
C TYR B 212 13.42 10.72 -22.72
N GLY B 213 13.40 10.09 -23.88
CA GLY B 213 14.65 9.82 -24.58
C GLY B 213 14.61 8.58 -25.44
N PRO B 214 15.75 8.23 -26.05
CA PRO B 214 15.89 7.01 -26.83
C PRO B 214 15.44 5.81 -26.00
N GLY B 215 14.78 4.85 -26.64
CA GLY B 215 14.47 3.57 -26.02
C GLY B 215 13.04 3.50 -25.50
N GLU B 216 12.32 4.64 -25.48
CA GLU B 216 10.90 4.60 -25.18
C GLU B 216 10.16 4.38 -26.51
N ILE B 217 9.65 3.15 -26.63
CA ILE B 217 8.96 2.66 -27.82
C ILE B 217 7.43 2.66 -27.68
N LEU B 218 6.78 3.47 -28.49
CA LEU B 218 5.32 3.49 -28.52
C LEU B 218 4.84 2.07 -28.77
N GLY B 219 3.87 1.60 -27.99
CA GLY B 219 3.29 0.26 -28.20
C GLY B 219 4.10 -0.89 -27.60
N ALA B 220 5.19 -0.59 -26.90
CA ALA B 220 6.01 -1.65 -26.34
C ALA B 220 5.18 -2.56 -25.43
N GLY B 221 5.38 -3.86 -25.61
CA GLY B 221 4.81 -4.88 -24.71
C GLY B 221 3.41 -5.31 -25.09
N ARG B 222 2.69 -5.83 -24.10
CA ARG B 222 1.36 -6.36 -24.30
C ARG B 222 0.31 -5.27 -24.15
N TRP B 223 -0.87 -5.55 -24.68
CA TRP B 223 -2.00 -4.59 -24.56
C TRP B 223 -2.40 -4.52 -23.10
N ARG B 224 -2.37 -3.34 -22.49
CA ARG B 224 -2.68 -3.23 -21.08
C ARG B 224 -4.02 -2.47 -20.85
N GLY B 225 -4.86 -2.51 -21.87
CA GLY B 225 -6.26 -2.16 -21.71
C GLY B 225 -6.75 -0.89 -22.37
N THR B 226 -5.84 0.05 -22.60
CA THR B 226 -6.17 1.38 -23.09
C THR B 226 -5.18 1.88 -24.15
N PRO B 227 -5.59 2.90 -24.93
CA PRO B 227 -4.70 3.42 -25.97
C PRO B 227 -3.33 3.95 -25.47
N ALA B 228 -3.22 4.22 -24.17
CA ALA B 228 -1.93 4.62 -23.59
C ALA B 228 -0.86 3.52 -23.75
N THR B 229 -1.26 2.29 -24.05
CA THR B 229 -0.29 1.24 -24.38
C THR B 229 0.50 1.65 -25.62
N VAL B 230 -0.19 2.28 -26.56
CA VAL B 230 0.45 2.79 -27.76
C VAL B 230 1.04 4.17 -27.45
N TRP B 231 0.17 5.12 -27.10
CA TRP B 231 0.54 6.53 -26.90
C TRP B 231 0.96 6.77 -25.45
N ARG B 232 2.17 6.32 -25.15
CA ARG B 232 2.62 6.14 -23.77
C ARG B 232 2.78 7.46 -23.07
N ASN B 233 3.38 8.42 -23.76
CA ASN B 233 3.74 9.71 -23.12
C ASN B 233 3.81 10.79 -24.19
N VAL B 234 3.73 12.04 -23.76
CA VAL B 234 3.63 13.15 -24.73
C VAL B 234 4.86 13.27 -25.65
N THR B 235 6.07 13.11 -25.11
CA THR B 235 7.28 13.31 -25.96
C THR B 235 7.37 12.32 -27.13
N PRO B 236 7.33 11.00 -26.86
CA PRO B 236 7.38 10.05 -27.98
C PRO B 236 6.14 10.12 -28.92
N THR B 237 4.97 10.43 -28.37
CA THR B 237 3.80 10.67 -29.20
C THR B 237 4.05 11.84 -30.16
N PHE B 238 4.56 12.95 -29.65
CA PHE B 238 4.83 14.13 -30.48
C PHE B 238 5.95 13.88 -31.51
N ILE B 239 7.02 13.22 -31.08
CA ILE B 239 8.15 12.92 -31.99
C ILE B 239 7.65 12.07 -33.16
N TYR B 240 6.96 10.97 -32.85
CA TYR B 240 6.41 10.09 -33.86
C TYR B 240 5.52 10.84 -34.87
N LYS B 241 4.53 11.57 -34.34
CA LYS B 241 3.62 12.33 -35.22
C LYS B 241 4.34 13.35 -36.10
N ALA B 242 5.34 14.05 -35.54
CA ALA B 242 6.11 15.06 -36.28
C ALA B 242 6.91 14.41 -37.41
N LEU B 243 7.45 13.22 -37.14
CA LEU B 243 8.16 12.45 -38.16
C LEU B 243 7.25 11.95 -39.29
N LYS B 244 5.97 11.78 -38.99
CA LYS B 244 4.97 11.38 -40.00
C LYS B 244 4.33 12.60 -40.69
N GLY B 245 4.80 13.80 -40.31
CA GLY B 245 4.32 15.08 -40.83
C GLY B 245 2.88 15.37 -40.45
N MET B 246 2.47 14.90 -39.27
CA MET B 246 1.11 15.08 -38.79
C MET B 246 1.05 16.23 -37.80
N PRO B 247 -0.09 16.94 -37.77
CA PRO B 247 -0.24 18.01 -36.80
C PRO B 247 -0.19 17.44 -35.39
N LEU B 248 0.53 18.11 -34.50
CA LEU B 248 0.69 17.64 -33.13
C LEU B 248 -0.57 17.96 -32.31
N PRO B 249 -1.20 16.93 -31.71
CA PRO B 249 -2.45 17.16 -31.00
C PRO B 249 -2.14 17.83 -29.67
N LEU B 250 -1.94 19.12 -29.73
CA LEU B 250 -1.66 19.94 -28.56
C LEU B 250 -2.93 20.22 -27.76
N GLU B 251 -2.94 19.84 -26.47
CA GLU B 251 -4.15 19.98 -25.65
C GLU B 251 -4.13 21.26 -24.82
N ASN B 252 -5.28 21.94 -24.75
CA ASN B 252 -5.45 23.18 -23.98
C ASN B 252 -4.44 24.31 -24.28
N GLY B 253 -3.97 24.39 -25.52
CA GLY B 253 -3.00 25.43 -25.91
C GLY B 253 -1.57 25.15 -25.44
N GLY B 254 -1.34 23.99 -24.82
CA GLY B 254 -0.01 23.62 -24.32
C GLY B 254 0.53 24.53 -23.22
N VAL B 255 -0.37 25.05 -22.39
CA VAL B 255 0.05 25.95 -21.30
C VAL B 255 0.64 25.18 -20.13
N ALA B 256 0.33 23.89 -20.03
CA ALA B 256 0.90 23.07 -18.96
C ALA B 256 2.41 22.98 -19.11
N THR B 257 3.10 22.95 -17.97
CA THR B 257 4.56 22.79 -17.94
C THR B 257 4.94 21.53 -17.21
N ARG B 258 6.11 21.01 -17.59
CA ARG B 258 6.65 19.79 -16.98
C ARG B 258 8.16 19.97 -16.83
N ASP B 259 8.73 19.36 -15.79
CA ASP B 259 10.17 19.31 -15.64
C ASP B 259 10.70 18.04 -16.33
N PHE B 260 10.79 18.10 -17.65
CA PHE B 260 11.36 16.99 -18.40
C PHE B 260 12.81 16.69 -18.00
N ILE B 261 13.15 15.41 -17.97
CA ILE B 261 14.52 14.97 -17.68
C ILE B 261 14.91 13.89 -18.69
N PHE B 262 16.11 14.04 -19.25
CA PHE B 262 16.60 13.14 -20.28
C PHE B 262 16.97 11.82 -19.63
N VAL B 263 16.67 10.74 -20.34
CA VAL B 263 16.84 9.40 -19.78
C VAL B 263 18.26 9.01 -19.35
N GLU B 264 19.26 9.51 -20.06
CA GLU B 264 20.64 9.24 -19.64
C GLU B 264 20.97 9.93 -18.32
N ASP B 265 20.32 11.07 -18.05
CA ASP B 265 20.55 11.76 -16.77
C ASP B 265 19.89 10.96 -15.65
N VAL B 266 18.70 10.45 -15.94
CA VAL B 266 18.03 9.55 -14.96
C VAL B 266 18.88 8.32 -14.64
N ALA B 267 19.44 7.67 -15.66
CA ALA B 267 20.33 6.52 -15.44
C ALA B 267 21.54 6.87 -14.54
N ASN B 268 22.21 7.99 -14.84
CA ASN B 268 23.32 8.45 -13.98
C ASN B 268 22.87 8.80 -12.54
N GLY B 269 21.67 9.37 -12.44
CA GLY B 269 21.05 9.67 -11.16
C GLY B 269 20.81 8.40 -10.36
N LEU B 270 20.31 7.36 -11.01
CA LEU B 270 20.07 6.10 -10.32
C LEU B 270 21.39 5.52 -9.82
N ILE B 271 22.40 5.54 -10.69
CA ILE B 271 23.72 5.08 -10.32
C ILE B 271 24.30 5.86 -9.13
N ALA B 272 24.12 7.18 -9.11
CA ALA B 272 24.62 8.00 -7.99
C ALA B 272 23.88 7.57 -6.68
N CYS B 273 22.57 7.34 -6.78
CA CYS B 273 21.81 6.80 -5.66
C CYS B 273 22.41 5.50 -5.13
N ALA B 274 22.69 4.56 -6.04
CA ALA B 274 23.29 3.26 -5.66
C ALA B 274 24.67 3.46 -5.01
N ALA B 275 25.53 4.22 -5.66
CA ALA B 275 26.89 4.37 -5.17
C ALA B 275 26.96 5.10 -3.82
N ASP B 276 26.24 6.22 -3.72
CA ASP B 276 26.42 7.13 -2.60
C ASP B 276 25.18 7.54 -1.79
N GLY B 277 24.00 7.11 -2.21
CA GLY B 277 22.79 7.44 -1.47
C GLY B 277 22.76 6.78 -0.10
N THR B 278 22.27 7.52 0.87
CA THR B 278 22.13 7.09 2.26
C THR B 278 21.04 6.01 2.37
N PRO B 279 21.36 4.79 2.90
CA PRO B 279 20.33 3.76 3.17
C PRO B 279 19.16 4.30 3.99
N GLY B 280 17.93 4.00 3.55
CA GLY B 280 16.70 4.53 4.15
C GLY B 280 16.32 5.88 3.54
N GLY B 281 17.20 6.42 2.70
CA GLY B 281 17.03 7.78 2.13
C GLY B 281 16.25 7.92 0.85
N VAL B 282 15.97 9.16 0.50
CA VAL B 282 15.24 9.45 -0.74
C VAL B 282 15.91 10.66 -1.44
N TYR B 283 15.93 10.63 -2.78
CA TYR B 283 16.49 11.76 -3.56
C TYR B 283 15.64 12.02 -4.78
N ASN B 284 15.34 13.29 -5.05
CA ASN B 284 14.75 13.70 -6.30
C ASN B 284 15.85 13.65 -7.34
N ILE B 285 15.57 12.98 -8.44
CA ILE B 285 16.42 12.98 -9.63
C ILE B 285 15.68 13.80 -10.68
N ALA B 286 16.09 15.06 -10.86
CA ALA B 286 15.28 16.05 -11.54
C ALA B 286 16.15 17.06 -12.29
N SER B 287 15.54 17.69 -13.29
CA SER B 287 16.26 18.68 -14.10
C SER B 287 16.20 20.06 -13.49
N GLY B 288 15.14 20.35 -12.74
CA GLY B 288 15.01 21.71 -12.17
C GLY B 288 14.65 22.73 -13.23
N LYS B 289 14.25 22.27 -14.41
CA LYS B 289 13.92 23.16 -15.54
C LYS B 289 12.55 22.81 -16.13
N GLU B 290 11.66 23.80 -16.23
CA GLU B 290 10.31 23.52 -16.78
C GLU B 290 10.19 23.92 -18.23
N THR B 291 9.51 23.10 -19.02
CA THR B 291 9.16 23.42 -20.41
C THR B 291 7.64 23.24 -20.59
N SER B 292 7.00 24.23 -21.20
CA SER B 292 5.59 24.10 -21.51
C SER B 292 5.45 23.08 -22.64
N ILE B 293 4.29 22.43 -22.70
CA ILE B 293 3.99 21.44 -23.77
C ILE B 293 3.96 22.13 -25.13
N ALA B 294 3.48 23.37 -25.18
CA ALA B 294 3.55 24.16 -26.43
C ALA B 294 5.00 24.32 -26.94
N ASP B 295 5.93 24.65 -26.04
CA ASP B 295 7.36 24.77 -26.39
C ASP B 295 7.99 23.43 -26.74
N LEU B 296 7.55 22.37 -26.07
CA LEU B 296 7.97 21.00 -26.42
C LEU B 296 7.57 20.71 -27.87
N ALA B 297 6.30 20.99 -28.19
CA ALA B 297 5.79 20.78 -29.56
C ALA B 297 6.57 21.63 -30.57
N THR B 298 6.80 22.90 -30.25
CA THR B 298 7.53 23.82 -31.12
C THR B 298 8.94 23.31 -31.43
N LYS B 299 9.63 22.83 -30.40
CA LYS B 299 11.01 22.34 -30.54
C LYS B 299 11.04 21.08 -31.41
N ILE B 300 10.11 20.17 -31.17
CA ILE B 300 10.04 18.90 -31.91
C ILE B 300 9.74 19.18 -33.38
N ASN B 301 8.79 20.06 -33.63
CA ASN B 301 8.51 20.51 -35.00
C ASN B 301 9.71 21.16 -35.70
N GLU B 302 10.43 22.04 -34.99
CA GLU B 302 11.59 22.75 -35.54
C GLU B 302 12.68 21.73 -35.93
N ILE B 303 12.93 20.76 -35.06
CA ILE B 303 13.98 19.75 -35.30
C ILE B 303 13.61 18.82 -36.45
N THR B 304 12.36 18.38 -36.49
CA THR B 304 11.90 17.40 -37.51
C THR B 304 11.54 18.04 -38.86
N GLY B 305 11.35 19.36 -38.88
CA GLY B 305 10.85 20.05 -40.08
C GLY B 305 9.37 19.78 -40.35
N ASN B 306 8.60 19.48 -39.30
CA ASN B 306 7.16 19.29 -39.42
C ASN B 306 6.50 20.67 -39.58
N ASN B 307 6.02 20.97 -40.77
CA ASN B 307 5.50 22.29 -41.07
C ASN B 307 4.00 22.48 -40.81
N THR B 308 3.45 21.71 -39.89
CA THR B 308 2.01 21.76 -39.64
C THR B 308 1.67 22.73 -38.53
N GLU B 309 0.39 22.99 -38.37
CA GLU B 309 -0.07 24.00 -37.44
C GLU B 309 0.02 23.51 -36.00
N LEU B 310 -0.07 24.47 -35.09
CA LEU B 310 0.04 24.23 -33.67
C LEU B 310 -0.90 25.20 -32.99
N ASP B 311 -1.95 24.72 -32.36
CA ASP B 311 -2.72 25.63 -31.55
CA ASP B 311 -2.76 25.62 -31.56
C ASP B 311 -2.24 26.02 -30.15
N ARG B 312 -1.33 26.99 -30.07
CA ARG B 312 -0.75 27.37 -28.77
C ARG B 312 -1.57 28.48 -28.17
N LEU B 313 -1.54 28.61 -26.85
CA LEU B 313 -2.16 29.73 -26.17
C LEU B 313 -1.14 30.26 -25.17
N PRO B 314 -1.23 31.55 -24.79
CA PRO B 314 -0.28 32.06 -23.79
C PRO B 314 -0.60 31.55 -22.39
N LYS B 315 0.44 31.20 -21.64
CA LYS B 315 0.28 30.73 -20.25
C LYS B 315 -0.07 31.88 -19.33
N ARG B 316 -1.11 31.69 -18.51
CA ARG B 316 -1.53 32.71 -17.56
C ARG B 316 -1.23 32.19 -16.15
N PRO B 317 -1.17 33.09 -15.14
CA PRO B 317 -0.88 32.70 -13.75
C PRO B 317 -1.75 31.60 -13.18
N TRP B 318 -2.99 31.50 -13.64
CA TRP B 318 -3.90 30.50 -13.09
C TRP B 318 -3.73 29.15 -13.78
N ASP B 319 -2.86 29.07 -14.78
CA ASP B 319 -2.69 27.80 -15.53
C ASP B 319 -1.82 26.73 -14.89
N ASN B 320 -0.83 27.14 -14.14
CA ASN B 320 0.01 26.10 -13.49
C ASN B 320 0.15 26.33 -12.00
N SER B 321 -0.82 27.06 -11.45
CA SER B 321 -0.70 27.64 -10.12
C SER B 321 -0.60 26.56 -9.04
N GLY B 322 0.42 26.69 -8.20
CA GLY B 322 0.63 25.72 -7.12
C GLY B 322 1.31 24.41 -7.53
N LYS B 323 1.41 24.14 -8.84
CA LYS B 323 2.16 22.97 -9.29
C LYS B 323 3.62 23.10 -8.82
N ARG B 324 4.11 22.05 -8.18
CA ARG B 324 5.45 22.08 -7.62
C ARG B 324 6.32 21.06 -8.32
N PHE B 325 7.54 21.47 -8.66
CA PHE B 325 8.54 20.58 -9.24
C PHE B 325 9.54 20.22 -8.14
N GLY B 326 10.15 19.05 -8.26
CA GLY B 326 11.11 18.55 -7.27
C GLY B 326 12.45 19.30 -7.34
N SER B 327 12.98 19.67 -6.18
CA SER B 327 14.29 20.35 -6.10
C SER B 327 15.37 19.31 -6.31
N PRO B 328 16.33 19.58 -7.23
CA PRO B 328 17.45 18.67 -7.40
C PRO B 328 18.64 18.93 -6.45
N GLU B 329 18.44 19.80 -5.46
CA GLU B 329 19.54 20.24 -4.62
C GLU B 329 20.13 19.18 -3.67
N LYS B 330 19.28 18.32 -3.11
CA LYS B 330 19.79 17.26 -2.23
C LYS B 330 20.74 16.29 -2.98
N ALA B 331 20.35 15.85 -4.18
CA ALA B 331 21.19 14.94 -4.98
C ALA B 331 22.50 15.61 -5.41
N ARG B 332 22.44 16.91 -5.69
CA ARG B 332 23.63 17.65 -6.04
C ARG B 332 24.60 17.71 -4.87
N ARG B 333 24.10 18.12 -3.71
CA ARG B 333 24.93 18.31 -2.53
C ARG B 333 25.50 16.99 -2.02
N GLU B 334 24.64 15.98 -1.87
CA GLU B 334 25.06 14.71 -1.27
C GLU B 334 25.74 13.73 -2.21
N LEU B 335 25.32 13.69 -3.47
CA LEU B 335 25.79 12.70 -4.42
C LEU B 335 26.63 13.32 -5.55
N GLY B 336 26.71 14.65 -5.59
CA GLY B 336 27.37 15.33 -6.70
C GLY B 336 26.70 15.13 -8.05
N PHE B 337 25.40 14.80 -8.04
CA PHE B 337 24.67 14.54 -9.29
C PHE B 337 23.92 15.77 -9.76
N SER B 338 24.05 16.11 -11.04
CA SER B 338 23.11 17.05 -11.67
C SER B 338 22.75 16.60 -13.08
N ALA B 339 21.51 16.83 -13.47
CA ALA B 339 20.97 16.45 -14.77
C ALA B 339 21.15 17.61 -15.73
N ASP B 340 22.22 17.54 -16.53
CA ASP B 340 22.64 18.64 -17.39
C ASP B 340 22.29 18.56 -18.88
N VAL B 341 21.68 17.47 -19.34
CA VAL B 341 21.24 17.43 -20.74
C VAL B 341 20.04 18.35 -20.95
N SER B 342 20.24 19.41 -21.76
CA SER B 342 19.17 20.34 -22.07
C SER B 342 18.04 19.69 -22.88
N ILE B 343 16.86 20.29 -22.81
CA ILE B 343 15.73 19.85 -23.62
C ILE B 343 16.04 19.82 -25.14
N ASP B 344 16.74 20.84 -25.64
CA ASP B 344 17.15 20.88 -27.07
C ASP B 344 18.05 19.69 -27.46
N ASP B 345 19.08 19.41 -26.66
CA ASP B 345 20.02 18.34 -26.98
CA ASP B 345 20.01 18.32 -26.98
C ASP B 345 19.36 16.95 -26.85
N GLY B 346 18.59 16.76 -25.78
CA GLY B 346 17.92 15.48 -25.52
C GLY B 346 16.90 15.20 -26.60
N LEU B 347 16.17 16.24 -27.01
CA LEU B 347 15.18 16.04 -28.06
C LEU B 347 15.86 15.63 -29.36
N ARG B 348 16.98 16.28 -29.69
CA ARG B 348 17.76 15.91 -30.88
C ARG B 348 18.14 14.44 -30.86
N LYS B 349 18.73 13.99 -29.74
CA LYS B 349 19.16 12.59 -29.61
C LYS B 349 17.96 11.66 -29.75
N THR B 350 16.84 12.04 -29.11
CA THR B 350 15.63 11.23 -29.12
C THR B 350 15.04 11.14 -30.52
N ILE B 351 14.95 12.28 -31.20
CA ILE B 351 14.45 12.32 -32.59
C ILE B 351 15.34 11.48 -33.53
N GLU B 352 16.65 11.57 -33.35
CA GLU B 352 17.57 10.77 -34.18
C GLU B 352 17.33 9.27 -34.01
N TRP B 353 17.22 8.82 -32.75
CA TRP B 353 16.97 7.42 -32.44
C TRP B 353 15.63 6.95 -33.04
N THR B 354 14.61 7.79 -32.89
CA THR B 354 13.28 7.46 -33.40
C THR B 354 13.30 7.31 -34.92
N LYS B 355 13.88 8.29 -35.61
CA LYS B 355 14.00 8.27 -37.07
C LYS B 355 14.75 7.01 -37.49
N ALA B 356 15.86 6.71 -36.80
CA ALA B 356 16.67 5.51 -37.09
C ALA B 356 15.92 4.18 -36.94
N ASN B 357 14.91 4.17 -36.07
CA ASN B 357 14.17 2.94 -35.72
C ASN B 357 12.70 3.02 -36.10
N LEU B 358 12.34 3.95 -36.98
CA LEU B 358 10.92 4.23 -37.20
C LEU B 358 10.15 3.01 -37.69
N ALA B 359 10.75 2.25 -38.61
CA ALA B 359 10.12 1.05 -39.16
C ALA B 359 9.78 0.05 -38.04
N VAL B 360 10.73 -0.21 -37.13
CA VAL B 360 10.46 -1.22 -36.12
C VAL B 360 9.44 -0.72 -35.10
N ILE B 361 9.53 0.56 -34.76
CA ILE B 361 8.58 1.18 -33.85
C ILE B 361 7.17 1.02 -34.41
N GLU B 362 6.99 1.31 -35.71
CA GLU B 362 5.67 1.18 -36.34
C GLU B 362 5.13 -0.25 -36.31
N GLN B 363 6.00 -1.23 -36.54
CA GLN B 363 5.61 -2.63 -36.47
C GLN B 363 5.16 -2.99 -35.04
N ILE B 364 5.83 -2.42 -34.05
CA ILE B 364 5.48 -2.67 -32.65
C ILE B 364 4.13 -2.01 -32.35
N MET B 365 3.97 -0.75 -32.74
CA MET B 365 2.67 -0.05 -32.61
C MET B 365 1.52 -0.85 -33.22
N ARG B 366 1.74 -1.36 -34.45
CA ARG B 366 0.69 -2.00 -35.26
C ARG B 366 0.11 -3.26 -34.64
N LYS B 367 0.85 -3.92 -33.76
CA LYS B 367 0.29 -5.13 -33.12
C LYS B 367 -0.96 -4.81 -32.30
N HIS B 368 -1.13 -3.55 -31.88
CA HIS B 368 -2.30 -3.17 -31.07
C HIS B 368 -3.47 -2.61 -31.87
N ASP B 369 -3.38 -2.67 -33.19
CA ASP B 369 -4.45 -2.16 -34.08
C ASP B 369 -5.88 -2.63 -33.76
N SER B 370 -6.06 -3.95 -33.64
CA SER B 370 -7.37 -4.52 -33.30
C SER B 370 -7.89 -4.00 -31.96
N ALA B 371 -7.03 -4.03 -30.94
CA ALA B 371 -7.40 -3.58 -29.60
C ALA B 371 -7.75 -2.10 -29.58
N LEU B 372 -7.00 -1.29 -30.32
CA LEU B 372 -7.26 0.15 -30.45
C LEU B 372 -8.62 0.41 -31.08
N ALA B 373 -8.93 -0.37 -32.12
CA ALA B 373 -10.16 -0.18 -32.92
C ALA B 373 -11.42 -0.44 -32.09
N THR B 374 -11.32 -1.37 -31.14
CA THR B 374 -12.47 -1.77 -30.34
C THR B 374 -12.59 -0.99 -29.01
N TYR B 375 -11.52 -0.30 -28.62
CA TYR B 375 -11.48 0.35 -27.29
C TYR B 375 -12.74 1.15 -26.92
#